data_5OAM
#
_entry.id   5OAM
#
loop_
_entity.id
_entity.type
_entity.pdbx_description
1 polymer 'Kinesin-like protein KIF18A'
2 polymer 'Tubulin alpha chain'
3 polymer 'Tubulin beta chain'
4 non-polymer 'ZINC ION'
5 non-polymer 'MAGNESIUM ION'
6 non-polymer "GUANOSINE-5'-TRIPHOSPHATE"
7 non-polymer "GUANOSINE-5'-DIPHOSPHATE"
8 non-polymer TAXOL
#
loop_
_entity_poly.entity_id
_entity_poly.type
_entity_poly.pdbx_seq_one_letter_code
_entity_poly.pdbx_strand_id
1 'polypeptide(L)'
;GSHMSVTEEDLCHHMKVVVRVRPENTKEKAAGFHKVVHVVDKHILVFDPKQEEVSFFHGKKTTNQNVIKKQNKDLKFVFD
AVFDETSTQSEVFEHTTKPILRSFLNGYNCTVLAYGATGAGKTHTMLGSADEPGVMYLTMLHLYKCMDEIKEEKICSTAV
SYLEVYNEQIRDLLVNSGPLAVREDTQKGVVVHGLTLHQPKSSEEILHLLDNGNKNRTQHPTDMNATSSRSHAVFQIYLR
QQDKTASINQNVRIAKMSLIDLAGSERASTSGAKGTRFVEGTNINRSLLALGNVINALADSKRKNQHIPYRNSKLTRLLK
DSLGGNCQTIMIAAVSPSSVFYDDTYNTLKYANRAKDIKSSLKSNVLNVNNHITQYV
;
K
2 'polypeptide(L)'
;MRECISIHVGQAGVQIGNACWELYCLEHGIQPDGQMPSDKTIGGGDDSFNTFFSETGAGKHVPRAVFVDLEPTVIDEVRT
GTYRQLFHPEQLITGKEDAANNYARGHYTIGKEIIDLVLDRIRKLADQCTGLQGFSVFHSFGGGTGSGFTSLLMERLSVD
YGKKSKLEFSIYPAPQVSTAVVEPYNSILTTHTTLEHSDCAFMVDNEAIYDICRRNLDIERPTYTNLNRLIGQIVSSITA
SLRFDGALNVDLTEFQTNLVPYPRGHFPLATYAPVISAEKAYHEQLSVAEITNACFEPANQMVKCDPRHGKYMACCLLYR
GDVVPKDVNAAIATIKTKRTIQFVDWCPTGFKVGINYEPPTVVPGGDLAKVQRAVCMLSNTTAIAEAWARLDHKFDLMYA
KRAFVHWYVGEGMEEGEFSEAREDMAALEKDYEEVGVDSVEGEGEEEGEEY
;
A
3 'polypeptide(L)'
;MREIVHIQAGQCGNQIGAKFWEVISDEHGIDPTGSYHGDSDLQLERINVYYNEAAGNKYVPRAILVDLEPGTMDSVRSGP
FGQIFRPDNFVFGQSGAGNNWAKGHYTEGAELVDSVLDVVRKESESCDCLQGFQLTHSLGGGTGSGMGTLLISKIREEYP
DRIMNTFSVVPSPKVSDTVVEPYNATLSVHQLVENTDETYCIDNEALYDICFRTLKLTTPTYGDLNHLVSATMSGVTTCL
RFPGQLNADLRKLAVNMVPFPRLHFFMPGFAPLTSRGSQQYRALTVPELTQQMFDAKNMMAACDPRHGRYLTVAAVFRGR
MSMKEVDEQMLNVQNKNSSYFVEWIPNNVKTAVCDIPPRGLKMSATFIGNSTAIQELFKRISEQFTAMFRRKAFLHWYTG
EGMDEMEFTEAESNMNDLVSEYQQYQDATADEQGEFEEEGEEDEA
;
B
#
loop_
_chem_comp.id
_chem_comp.type
_chem_comp.name
_chem_comp.formula
GDP RNA linking GUANOSINE-5'-DIPHOSPHATE 'C10 H15 N5 O11 P2'
GTP non-polymer GUANOSINE-5'-TRIPHOSPHATE 'C10 H16 N5 O14 P3'
MG non-polymer 'MAGNESIUM ION' 'Mg 2'
TA1 non-polymer TAXOL 'C47 H51 N O14'
ZN non-polymer 'ZINC ION' 'Zn 2'
#
# COMPACT_ATOMS: atom_id res chain seq x y z
N HIS A 13 26.82 -7.13 22.68
CA HIS A 13 26.80 -5.67 22.61
C HIS A 13 25.49 -5.09 22.06
N HIS A 14 25.29 -3.79 22.32
CA HIS A 14 24.10 -3.01 21.92
C HIS A 14 24.46 -1.68 21.29
N MET A 15 23.54 -1.19 20.50
CA MET A 15 23.71 0.10 19.88
C MET A 15 23.32 1.01 21.03
N LYS A 16 24.02 2.12 21.14
CA LYS A 16 23.76 3.17 22.11
C LYS A 16 22.82 4.16 21.48
N VAL A 17 21.86 4.66 22.23
CA VAL A 17 20.98 5.72 21.76
C VAL A 17 21.10 6.88 22.72
N VAL A 18 21.21 8.07 22.16
CA VAL A 18 21.19 9.31 22.93
C VAL A 18 20.27 10.26 22.22
N VAL A 19 19.81 11.24 22.98
CA VAL A 19 19.05 12.35 22.44
C VAL A 19 19.68 13.65 22.86
N ARG A 20 19.61 14.59 21.94
CA ARG A 20 20.04 15.95 22.16
C ARG A 20 18.86 16.85 21.93
N VAL A 21 18.54 17.62 22.94
CA VAL A 21 17.61 18.74 22.83
C VAL A 21 18.44 20.00 22.62
N ARG A 22 18.10 20.81 21.63
CA ARG A 22 18.82 22.07 21.39
C ARG A 22 18.13 23.06 22.33
N PRO A 23 18.46 24.27 22.23
CA PRO A 23 17.87 25.28 23.08
C PRO A 23 17.06 26.13 22.16
N GLU A 24 15.91 26.56 22.63
CA GLU A 24 15.11 27.43 21.76
C GLU A 24 15.90 28.70 21.35
N ASN A 25 15.81 29.14 20.09
CA ASN A 25 16.42 30.41 19.71
C ASN A 25 15.68 31.57 20.40
N THR A 26 16.18 32.79 20.19
CA THR A 26 15.48 33.98 20.73
C THR A 26 14.08 34.16 20.18
N LYS A 27 13.91 33.94 18.88
CA LYS A 27 12.63 34.18 18.22
C LYS A 27 11.53 33.32 18.82
N GLU A 28 11.83 32.06 19.07
CA GLU A 28 10.91 31.15 19.70
C GLU A 28 10.65 31.50 21.15
N LYS A 29 11.68 31.98 21.86
CA LYS A 29 11.52 32.42 23.25
C LYS A 29 10.50 33.54 23.32
N ALA A 30 10.48 34.42 22.32
CA ALA A 30 9.47 35.48 22.25
C ALA A 30 8.07 34.90 22.18
N ALA A 31 7.90 33.85 21.37
CA ALA A 31 6.64 33.12 21.34
C ALA A 31 6.29 32.58 22.73
N GLY A 32 7.29 32.03 23.44
CA GLY A 32 7.10 31.57 24.80
C GLY A 32 6.13 30.38 24.87
N PHE A 33 6.12 29.54 23.83
CA PHE A 33 5.29 28.35 23.83
C PHE A 33 5.72 27.38 24.93
N HIS A 34 4.78 26.51 25.29
CA HIS A 34 5.03 25.41 26.20
C HIS A 34 6.15 24.50 25.68
N LYS A 35 6.99 24.02 26.61
CA LYS A 35 8.09 23.10 26.34
C LYS A 35 7.56 21.69 26.21
N VAL A 36 7.84 21.09 25.05
CA VAL A 36 7.39 19.72 24.80
C VAL A 36 8.29 18.67 25.45
N VAL A 37 9.58 18.93 25.54
CA VAL A 37 10.46 18.00 26.22
C VAL A 37 10.95 18.63 27.49
N HIS A 38 10.91 17.84 28.55
CA HIS A 38 11.57 18.18 29.81
C HIS A 38 12.61 17.13 30.09
N VAL A 39 13.85 17.54 30.32
CA VAL A 39 14.88 16.58 30.70
C VAL A 39 14.94 16.51 32.20
N VAL A 40 14.55 15.38 32.77
CA VAL A 40 14.69 15.17 34.21
C VAL A 40 16.16 15.06 34.59
N ASP A 41 16.89 14.13 34.00
CA ASP A 41 18.27 13.87 34.35
C ASP A 41 19.07 13.41 33.15
N LYS A 42 20.33 13.04 33.41
CA LYS A 42 21.21 12.55 32.36
C LYS A 42 20.54 11.42 31.65
N HIS A 43 19.92 10.51 32.41
CA HIS A 43 19.33 9.45 31.70
C HIS A 43 18.00 9.81 30.96
N ILE A 44 17.04 10.40 31.55
CA ILE A 44 15.73 10.68 31.16
C ILE A 44 14.97 11.84 30.93
N LEU A 45 14.48 11.98 29.71
CA LEU A 45 13.51 12.98 29.35
C LEU A 45 12.04 12.54 29.43
N VAL A 46 11.19 13.52 29.65
CA VAL A 46 9.75 13.37 29.67
C VAL A 46 9.22 14.02 28.43
N PHE A 47 8.29 13.31 27.82
CA PHE A 47 7.54 13.86 26.74
C PHE A 47 6.26 14.52 27.25
N ASP A 48 6.01 15.74 26.83
CA ASP A 48 4.81 16.51 27.15
C ASP A 48 3.57 15.87 26.51
N PRO A 49 2.42 16.54 26.52
CA PRO A 49 2.23 17.86 27.11
C PRO A 49 1.68 17.68 28.52
N LYS A 50 1.94 18.67 29.35
CA LYS A 50 1.55 18.72 30.76
C LYS A 50 0.53 19.83 30.94
N GLN A 51 -0.61 19.52 31.52
CA GLN A 51 -1.59 20.54 31.90
C GLN A 51 -0.99 21.45 32.98
N ASN A 72 -2.23 13.46 28.20
CA ASN A 72 -1.32 12.70 27.33
C ASN A 72 -0.74 11.46 27.97
N LYS A 73 0.13 10.81 27.20
CA LYS A 73 0.87 9.64 27.65
C LYS A 73 1.51 9.94 29.01
N ASP A 74 2.21 11.07 29.11
CA ASP A 74 3.07 11.40 30.26
C ASP A 74 4.06 10.26 30.56
N LEU A 75 4.45 9.54 29.50
CA LEU A 75 5.40 8.46 29.65
C LEU A 75 6.76 9.12 29.75
N LYS A 76 7.46 8.74 30.82
CA LYS A 76 8.84 9.13 31.00
C LYS A 76 9.65 8.19 30.13
N PHE A 77 10.67 8.73 29.50
CA PHE A 77 11.63 7.91 28.82
C PHE A 77 13.02 8.16 29.37
N VAL A 78 13.69 7.07 29.73
CA VAL A 78 15.07 7.09 30.18
C VAL A 78 16.04 6.86 29.01
N PHE A 79 16.83 7.87 28.63
CA PHE A 79 18.05 7.67 27.86
C PHE A 79 19.25 7.36 28.73
N ASP A 80 20.41 7.06 28.13
CA ASP A 80 21.65 6.96 28.91
C ASP A 80 22.18 8.33 29.38
N ALA A 81 22.32 9.20 28.38
CA ALA A 81 22.75 10.56 28.53
C ALA A 81 21.82 11.48 27.74
N VAL A 82 21.68 12.69 28.25
CA VAL A 82 21.00 13.80 27.60
C VAL A 82 22.04 14.87 27.36
N PHE A 83 21.98 15.43 26.17
CA PHE A 83 22.73 16.65 25.93
C PHE A 83 21.81 17.82 26.04
N ASP A 84 22.26 18.77 26.82
CA ASP A 84 21.53 19.98 27.05
C ASP A 84 21.72 20.91 25.88
N GLU A 85 20.99 22.00 25.97
CA GLU A 85 21.29 23.13 25.16
C GLU A 85 22.68 23.73 25.43
N THR A 86 23.06 23.63 26.69
CA THR A 86 24.23 24.26 27.25
C THR A 86 25.44 23.73 26.55
N SER A 87 25.48 22.39 26.39
CA SER A 87 26.62 21.78 25.74
C SER A 87 26.76 22.41 24.38
N THR A 88 27.93 22.95 24.16
CA THR A 88 28.29 23.47 22.87
C THR A 88 28.91 22.30 22.11
N GLN A 89 30.14 22.47 21.73
CA GLN A 89 30.80 21.57 20.85
C GLN A 89 31.88 20.77 21.51
N SER A 90 32.36 21.27 22.64
CA SER A 90 33.28 20.48 23.44
C SER A 90 32.58 19.27 24.05
N GLU A 91 31.48 19.54 24.75
CA GLU A 91 30.85 18.50 25.56
C GLU A 91 30.23 17.44 24.67
N VAL A 92 29.53 17.85 23.62
CA VAL A 92 28.87 16.85 22.77
C VAL A 92 29.87 15.90 22.18
N PHE A 93 30.94 16.47 21.61
CA PHE A 93 31.93 15.68 20.98
C PHE A 93 32.45 14.66 21.98
N GLU A 94 32.98 15.15 23.11
CA GLU A 94 33.81 14.31 23.95
C GLU A 94 33.02 13.11 24.43
N HIS A 95 31.75 13.31 24.83
CA HIS A 95 30.97 12.23 25.41
C HIS A 95 30.79 11.11 24.42
N THR A 96 30.17 11.40 23.28
CA THR A 96 29.79 10.34 22.34
C THR A 96 31.02 9.75 21.69
N THR A 97 31.89 10.62 21.19
CA THR A 97 33.01 10.20 20.35
C THR A 97 34.06 9.47 21.16
N LYS A 98 34.25 9.83 22.43
CA LYS A 98 35.43 9.31 23.12
C LYS A 98 35.35 7.78 23.23
N PRO A 99 34.25 7.18 23.69
CA PRO A 99 34.15 5.74 23.71
C PRO A 99 34.22 5.09 22.34
N ILE A 100 33.81 5.76 21.25
CA ILE A 100 34.05 5.17 19.93
C ILE A 100 35.52 5.17 19.58
N LEU A 101 36.34 6.10 20.09
CA LEU A 101 37.77 6.06 19.83
C LEU A 101 38.35 4.79 20.41
N ARG A 102 37.93 4.37 21.59
CA ARG A 102 38.46 3.13 22.17
C ARG A 102 38.13 1.93 21.29
N SER A 103 36.90 1.84 20.80
CA SER A 103 36.54 0.80 19.84
C SER A 103 37.24 0.98 18.50
N PHE A 104 37.55 2.23 18.13
CA PHE A 104 38.33 2.57 16.96
C PHE A 104 39.69 1.92 17.08
N LEU A 105 40.35 2.07 18.23
CA LEU A 105 41.68 1.50 18.47
C LEU A 105 41.63 -0.01 18.40
N ASN A 106 40.52 -0.60 18.87
CA ASN A 106 40.35 -2.04 18.69
C ASN A 106 40.49 -2.35 17.20
N GLY A 107 39.90 -1.48 16.41
CA GLY A 107 39.82 -1.65 15.02
C GLY A 107 38.54 -2.39 14.64
N TYR A 108 37.67 -2.69 15.59
CA TYR A 108 36.27 -2.94 15.26
C TYR A 108 35.64 -1.70 14.66
N ASN A 109 34.77 -1.94 13.70
CA ASN A 109 34.05 -0.87 13.07
C ASN A 109 33.27 -0.06 14.12
N CYS A 110 33.47 1.26 14.09
CA CYS A 110 32.68 2.18 14.89
C CYS A 110 31.72 2.94 14.00
N THR A 111 30.60 3.39 14.51
CA THR A 111 29.75 4.29 13.71
C THR A 111 29.06 5.29 14.61
N VAL A 112 28.85 6.49 14.09
CA VAL A 112 28.00 7.51 14.71
C VAL A 112 26.96 7.94 13.71
N LEU A 113 25.72 7.98 14.15
CA LEU A 113 24.63 8.49 13.35
C LEU A 113 24.23 9.81 13.97
N ALA A 114 24.10 10.85 13.17
CA ALA A 114 23.54 12.12 13.58
C ALA A 114 22.23 12.30 12.84
N TYR A 115 21.18 12.55 13.60
CA TYR A 115 19.90 12.93 13.07
C TYR A 115 19.59 14.34 13.49
N GLY A 116 18.60 14.96 12.86
CA GLY A 116 18.11 16.25 13.29
C GLY A 116 17.01 16.72 12.37
N ALA A 117 16.05 17.41 12.96
CA ALA A 117 15.11 18.20 12.18
C ALA A 117 15.81 19.46 11.66
N THR A 118 15.18 20.17 10.74
CA THR A 118 15.70 21.46 10.34
C THR A 118 15.71 22.40 11.51
N GLY A 119 16.87 23.02 11.73
CA GLY A 119 17.03 23.95 12.83
C GLY A 119 17.23 23.19 14.12
N ALA A 120 17.49 21.86 14.07
CA ALA A 120 17.60 21.03 15.27
C ALA A 120 18.78 21.46 16.08
N GLY A 121 19.79 21.96 15.37
CA GLY A 121 21.13 22.13 15.85
C GLY A 121 22.15 21.46 14.94
N LYS A 122 21.72 20.94 13.77
CA LYS A 122 22.48 19.91 13.07
C LYS A 122 23.92 20.29 12.84
N THR A 123 24.10 21.47 12.27
CA THR A 123 25.41 21.99 12.02
C THR A 123 26.12 22.22 13.34
N HIS A 124 25.48 22.88 14.31
CA HIS A 124 26.20 23.30 15.50
C HIS A 124 26.90 22.13 16.19
N THR A 125 26.19 21.01 16.39
CA THR A 125 26.75 19.89 17.15
C THR A 125 27.85 19.15 16.40
N MET A 126 27.54 18.88 15.12
CA MET A 126 28.44 18.13 14.29
C MET A 126 29.69 18.93 13.96
N LEU A 127 29.51 20.23 13.85
CA LEU A 127 30.56 21.07 13.40
C LEU A 127 30.69 22.40 14.16
N GLY A 128 29.83 23.39 13.91
CA GLY A 128 30.20 24.77 14.21
C GLY A 128 31.30 25.31 13.30
N SER A 129 31.71 26.56 13.52
CA SER A 129 32.86 27.11 12.79
C SER A 129 34.16 26.38 13.19
N ALA A 130 35.29 26.88 12.70
CA ALA A 130 36.56 26.57 13.35
C ALA A 130 36.59 27.02 14.81
N ASP A 131 35.86 28.11 15.13
CA ASP A 131 35.87 28.74 16.46
C ASP A 131 35.43 27.80 17.56
N GLU A 132 34.26 27.18 17.37
CA GLU A 132 33.73 26.22 18.31
C GLU A 132 33.65 24.85 17.63
N PRO A 133 34.74 24.08 17.69
CA PRO A 133 34.82 22.78 17.08
C PRO A 133 33.97 21.74 17.80
N GLY A 134 32.95 21.33 17.05
CA GLY A 134 32.05 20.22 17.28
C GLY A 134 32.66 18.90 17.04
N VAL A 135 31.78 17.90 17.01
CA VAL A 135 32.28 16.55 16.88
C VAL A 135 33.35 16.41 15.82
N MET A 136 33.14 16.93 14.61
CA MET A 136 34.02 16.58 13.52
C MET A 136 35.42 17.09 13.76
N TYR A 137 35.54 18.37 14.09
CA TYR A 137 36.85 18.95 14.27
C TYR A 137 37.51 18.36 15.48
N LEU A 138 36.77 18.06 16.54
CA LEU A 138 37.39 17.44 17.69
C LEU A 138 37.79 16.00 17.41
N THR A 139 37.07 15.24 16.57
CA THR A 139 37.59 13.95 16.12
C THR A 139 38.83 14.25 15.33
N MET A 140 38.79 15.19 14.41
CA MET A 140 39.93 15.51 13.60
C MET A 140 41.11 15.91 14.46
N LEU A 141 40.97 16.68 15.53
CA LEU A 141 42.10 17.18 16.32
C LEU A 141 42.56 16.10 17.29
N HIS A 142 41.61 15.55 18.05
CA HIS A 142 41.88 14.51 19.04
C HIS A 142 42.34 13.24 18.35
N LEU A 143 41.52 12.69 17.44
CA LEU A 143 41.90 11.54 16.65
C LEU A 143 43.13 11.85 15.81
N TYR A 144 43.44 13.09 15.46
CA TYR A 144 44.72 13.32 14.82
C TYR A 144 45.87 13.00 15.76
N LYS A 145 45.70 13.42 17.03
CA LYS A 145 46.57 12.94 18.10
C LYS A 145 46.44 11.44 18.29
N CYS A 146 45.25 10.89 18.06
CA CYS A 146 45.06 9.46 18.08
C CYS A 146 45.92 8.82 17.00
N MET A 147 45.94 9.34 15.78
CA MET A 147 46.85 8.84 14.76
C MET A 147 48.28 8.93 15.22
N ASP A 148 48.68 9.99 15.91
CA ASP A 148 50.02 10.14 16.43
C ASP A 148 50.35 9.07 17.48
N GLU A 149 49.47 8.88 18.46
CA GLU A 149 49.67 7.89 19.54
C GLU A 149 49.60 6.48 18.98
N ILE A 150 48.61 6.18 18.15
CA ILE A 150 48.42 4.84 17.62
C ILE A 150 49.61 4.54 16.74
N LYS A 151 49.93 5.47 15.83
CA LYS A 151 50.99 5.31 14.84
C LYS A 151 52.28 4.97 15.54
N GLU A 152 52.53 5.62 16.67
CA GLU A 152 53.72 5.33 17.45
C GLU A 152 53.77 3.87 17.86
N GLU A 153 52.72 3.37 18.53
CA GLU A 153 52.72 2.00 19.03
C GLU A 153 52.68 0.97 17.90
N LYS A 154 51.74 1.13 16.96
CA LYS A 154 51.76 0.44 15.68
C LYS A 154 51.73 1.48 14.60
N ILE A 155 52.56 1.35 13.57
CA ILE A 155 52.45 2.30 12.47
C ILE A 155 51.02 2.25 11.94
N CYS A 156 50.42 3.43 11.89
CA CYS A 156 49.11 3.57 11.32
C CYS A 156 49.19 4.46 10.12
N SER A 157 48.20 4.23 9.28
CA SER A 157 47.87 5.05 8.16
C SER A 157 46.36 5.18 8.15
N THR A 158 45.89 6.38 7.80
CA THR A 158 44.47 6.64 7.73
C THR A 158 44.16 7.37 6.44
N ALA A 159 42.98 7.13 5.91
CA ALA A 159 42.40 7.95 4.86
C ALA A 159 40.94 8.18 5.25
N VAL A 160 40.27 9.08 4.56
CA VAL A 160 38.85 9.36 4.78
C VAL A 160 38.13 9.56 3.47
N SER A 161 36.87 9.21 3.49
CA SER A 161 35.91 9.32 2.40
C SER A 161 34.81 10.22 2.83
N TYR A 162 34.29 10.97 1.88
CA TYR A 162 33.01 11.58 2.07
C TYR A 162 32.09 11.06 0.98
N LEU A 163 31.16 10.19 1.37
CA LEU A 163 30.22 9.70 0.38
C LEU A 163 28.85 10.32 0.60
N GLU A 164 28.13 10.39 -0.48
CA GLU A 164 26.75 10.81 -0.45
C GLU A 164 25.82 9.63 -0.63
N VAL A 165 24.54 9.93 -0.52
CA VAL A 165 23.46 9.11 -1.02
C VAL A 165 22.36 10.04 -1.53
N TYR A 166 22.28 10.35 -2.84
CA TYR A 166 21.15 11.10 -3.48
C TYR A 166 20.38 10.35 -4.56
N ASN A 167 19.04 10.41 -4.55
CA ASN A 167 18.16 9.58 -5.37
C ASN A 167 18.57 8.10 -5.40
N GLU A 168 18.97 7.52 -4.25
CA GLU A 168 19.44 6.13 -4.19
C GLU A 168 20.74 5.88 -4.97
N GLN A 169 21.47 6.95 -5.22
CA GLN A 169 22.73 6.92 -5.92
C GLN A 169 23.79 7.30 -4.92
N ILE A 170 24.93 6.61 -4.97
CA ILE A 170 26.08 7.05 -4.19
C ILE A 170 26.82 8.06 -5.05
N ARG A 171 27.15 9.23 -4.51
CA ARG A 171 28.06 10.15 -5.18
C ARG A 171 29.22 10.47 -4.26
N ASP A 172 30.45 10.31 -4.75
CA ASP A 172 31.56 10.82 -3.95
C ASP A 172 31.45 12.33 -3.85
N LEU A 173 31.60 12.86 -2.63
CA LEU A 173 31.48 14.29 -2.51
C LEU A 173 32.63 15.06 -3.11
N LEU A 174 33.85 14.54 -3.00
CA LEU A 174 35.07 15.19 -3.44
C LEU A 174 35.15 15.29 -4.98
N VAL A 175 34.68 14.26 -5.68
CA VAL A 175 34.40 14.32 -7.11
C VAL A 175 32.98 13.84 -7.36
N ASN A 176 32.18 14.66 -8.03
CA ASN A 176 30.92 14.16 -8.53
C ASN A 176 31.20 13.30 -9.77
N SER A 177 30.73 12.07 -9.71
CA SER A 177 30.75 11.18 -10.86
C SER A 177 29.48 10.35 -10.85
N GLY A 178 29.37 9.48 -11.85
CA GLY A 178 28.34 8.48 -11.81
C GLY A 178 28.53 7.60 -10.57
N PRO A 179 27.42 7.09 -10.03
CA PRO A 179 27.48 6.22 -8.88
C PRO A 179 28.34 5.01 -9.15
N LEU A 180 29.02 4.62 -8.11
CA LEU A 180 29.92 3.49 -8.10
C LEU A 180 29.11 2.23 -8.48
N ALA A 181 29.61 1.38 -9.40
CA ALA A 181 28.98 0.09 -9.59
C ALA A 181 29.09 -0.67 -8.27
N VAL A 182 28.00 -1.33 -7.92
CA VAL A 182 28.00 -2.18 -6.74
C VAL A 182 28.43 -3.56 -7.15
N ARG A 183 29.34 -4.16 -6.39
CA ARG A 183 29.60 -5.60 -6.45
C ARG A 183 29.57 -6.13 -5.03
N GLU A 184 29.61 -7.43 -4.86
CA GLU A 184 29.75 -8.09 -3.57
C GLU A 184 31.05 -8.88 -3.46
N ASP A 185 31.59 -8.97 -2.25
CA ASP A 185 32.70 -9.91 -2.07
C ASP A 185 32.20 -11.35 -2.27
N THR A 186 33.14 -12.28 -2.39
CA THR A 186 32.81 -13.69 -2.62
C THR A 186 32.00 -14.25 -1.47
N GLN A 187 32.44 -14.04 -0.23
CA GLN A 187 31.66 -14.50 0.91
C GLN A 187 30.30 -13.80 0.87
N LYS A 188 30.36 -12.47 0.99
CA LYS A 188 29.23 -11.56 1.05
C LYS A 188 29.81 -10.14 1.11
N GLY A 189 28.96 -9.19 1.49
CA GLY A 189 29.37 -7.83 1.82
C GLY A 189 29.34 -7.01 0.56
N VAL A 190 28.59 -5.91 0.63
CA VAL A 190 28.43 -5.06 -0.54
C VAL A 190 29.60 -4.12 -0.55
N VAL A 191 30.12 -3.89 -1.75
CA VAL A 191 31.15 -2.92 -1.98
C VAL A 191 30.73 -2.07 -3.14
N VAL A 192 31.13 -0.83 -3.12
CA VAL A 192 31.02 0.01 -4.29
C VAL A 192 32.40 0.13 -4.93
N HIS A 193 32.65 -0.39 -6.14
CA HIS A 193 33.97 -0.23 -6.80
C HIS A 193 34.12 1.10 -7.56
N GLY A 194 33.38 2.04 -7.00
CA GLY A 194 33.37 3.45 -7.26
C GLY A 194 34.03 4.08 -6.02
N LEU A 195 34.55 3.25 -5.10
CA LEU A 195 35.20 3.67 -3.89
C LEU A 195 36.36 4.44 -4.42
N THR A 196 36.43 5.63 -3.81
CA THR A 196 37.41 6.69 -4.02
C THR A 196 37.82 7.48 -2.76
N LEU A 197 36.90 8.23 -2.14
CA LEU A 197 37.33 8.99 -0.98
C LEU A 197 38.52 9.75 -1.57
N HIS A 198 38.27 10.34 -2.73
CA HIS A 198 39.24 11.05 -3.53
C HIS A 198 40.57 11.46 -2.91
N GLN A 199 40.54 12.34 -1.93
CA GLN A 199 41.80 12.80 -1.37
C GLN A 199 41.88 12.70 0.19
N PRO A 200 42.92 12.01 0.70
CA PRO A 200 43.33 11.99 2.08
C PRO A 200 43.88 13.35 2.55
N LYS A 201 44.05 13.45 3.87
CA LYS A 201 44.48 14.66 4.55
C LYS A 201 45.80 14.46 5.28
N SER A 202 46.74 15.37 5.06
CA SER A 202 47.92 15.47 5.91
C SER A 202 47.67 16.25 7.20
N SER A 203 46.69 17.15 7.21
CA SER A 203 46.38 18.00 8.36
C SER A 203 44.95 18.53 8.27
N GLU A 204 44.62 19.48 9.13
CA GLU A 204 43.30 20.08 9.23
C GLU A 204 42.96 20.91 8.00
N GLU A 205 43.93 21.62 7.43
CA GLU A 205 43.63 22.68 6.45
C GLU A 205 42.91 22.13 5.24
N ILE A 206 43.34 20.96 4.76
CA ILE A 206 42.77 20.45 3.53
C ILE A 206 41.33 20.05 3.77
N LEU A 207 41.07 19.33 4.87
CA LEU A 207 39.72 18.88 5.18
C LEU A 207 38.78 20.05 5.34
N HIS A 208 39.27 21.15 5.92
CA HIS A 208 38.42 22.31 6.16
C HIS A 208 37.85 22.84 4.85
N LEU A 209 38.68 22.90 3.79
CA LEU A 209 38.16 23.31 2.49
C LEU A 209 37.12 22.31 1.97
N LEU A 210 37.37 21.02 2.18
CA LEU A 210 36.43 19.97 1.77
C LEU A 210 35.09 20.16 2.40
N ASP A 211 35.03 20.62 3.65
CA ASP A 211 33.76 20.82 4.32
C ASP A 211 32.95 21.91 3.62
N ASN A 212 33.61 22.94 3.08
CA ASN A 212 32.88 23.92 2.26
C ASN A 212 32.21 23.22 1.07
N GLY A 213 33.02 22.43 0.35
CA GLY A 213 32.55 21.64 -0.77
C GLY A 213 31.50 20.61 -0.37
N ASN A 214 31.49 20.15 0.89
CA ASN A 214 30.58 19.13 1.39
C ASN A 214 29.14 19.58 1.24
N LYS A 215 28.85 20.78 1.77
CA LYS A 215 27.47 21.28 1.80
C LYS A 215 26.99 21.51 0.39
N ASN A 216 27.85 22.08 -0.47
CA ASN A 216 27.47 22.32 -1.84
C ASN A 216 27.22 21.02 -2.57
N ARG A 217 28.08 20.02 -2.28
CA ARG A 217 28.06 18.81 -3.02
C ARG A 217 26.80 18.02 -2.79
N THR A 218 26.37 17.93 -1.54
CA THR A 218 25.12 17.24 -1.27
C THR A 218 24.04 17.83 -2.17
N GLN A 219 23.21 16.98 -2.72
CA GLN A 219 22.12 17.50 -3.53
C GLN A 219 20.97 17.79 -2.61
N HIS A 220 20.63 19.08 -2.58
CA HIS A 220 19.49 19.53 -1.86
C HIS A 220 18.45 20.04 -2.83
N PRO A 221 17.19 19.87 -2.43
CA PRO A 221 16.11 20.62 -3.02
C PRO A 221 16.29 22.10 -2.81
N THR A 222 15.70 22.94 -3.68
CA THR A 222 15.70 24.39 -3.42
C THR A 222 14.75 24.68 -2.28
N ASP A 223 15.24 24.49 -1.06
CA ASP A 223 14.48 24.69 0.14
C ASP A 223 14.45 26.18 0.48
N MET A 224 13.81 26.50 1.60
CA MET A 224 14.00 27.80 2.23
C MET A 224 15.50 28.06 2.33
N ASN A 225 15.96 29.32 2.35
CA ASN A 225 17.41 29.51 2.54
C ASN A 225 17.90 29.08 3.92
N ALA A 226 17.10 29.35 4.96
CA ALA A 226 17.45 28.93 6.32
C ALA A 226 17.68 27.42 6.40
N THR A 227 16.71 26.63 5.96
CA THR A 227 16.86 25.17 5.95
C THR A 227 17.72 24.71 4.79
N SER A 228 18.51 23.70 5.02
CA SER A 228 19.09 22.94 3.92
C SER A 228 19.09 21.50 4.37
N SER A 229 18.73 20.58 3.50
CA SER A 229 18.80 19.15 3.77
C SER A 229 19.73 18.48 2.80
N ARG A 230 20.44 17.45 3.25
CA ARG A 230 21.11 16.57 2.30
C ARG A 230 20.03 15.75 1.62
N SER A 231 20.43 15.02 0.58
CA SER A 231 19.58 13.92 0.14
C SER A 231 19.48 12.85 1.19
N HIS A 232 20.61 12.21 1.44
CA HIS A 232 21.05 11.24 2.41
C HIS A 232 22.56 11.32 2.26
N ALA A 233 23.32 11.06 3.31
CA ALA A 233 24.77 11.14 3.16
C ALA A 233 25.50 10.47 4.31
N VAL A 234 26.78 10.20 4.08
CA VAL A 234 27.66 9.67 5.12
C VAL A 234 29.10 10.19 5.02
N PHE A 235 29.92 9.75 5.95
CA PHE A 235 31.34 10.02 5.99
C PHE A 235 32.03 8.78 6.53
N GLN A 236 33.22 8.44 6.04
CA GLN A 236 33.95 7.29 6.54
C GLN A 236 35.41 7.63 6.78
N ILE A 237 35.98 6.97 7.77
CA ILE A 237 37.41 6.92 8.00
C ILE A 237 37.83 5.48 7.77
N TYR A 238 39.09 5.31 7.40
CA TYR A 238 39.67 4.01 7.17
C TYR A 238 40.87 3.81 8.04
N LEU A 239 40.80 2.76 8.84
CA LEU A 239 41.90 2.31 9.64
C LEU A 239 42.48 1.05 9.02
N ARG A 240 43.80 1.08 8.84
CA ARG A 240 44.67 -0.06 8.53
C ARG A 240 45.83 0.03 9.51
N GLN A 241 45.89 -0.91 10.46
CA GLN A 241 46.93 -0.88 11.46
C GLN A 241 47.93 -1.97 11.21
N GLN A 242 49.18 -1.64 11.41
CA GLN A 242 50.29 -2.60 11.23
C GLN A 242 51.15 -2.33 12.39
N ASP A 243 51.66 -3.36 13.03
CA ASP A 243 52.60 -3.08 14.09
C ASP A 243 53.83 -2.38 13.58
N LYS A 244 54.56 -1.70 14.45
CA LYS A 244 55.82 -1.11 14.00
C LYS A 244 56.77 -2.17 13.52
N THR A 245 56.93 -3.24 14.30
CA THR A 245 57.77 -4.35 13.90
C THR A 245 57.16 -5.04 12.70
N ALA A 246 55.86 -5.33 12.77
CA ALA A 246 55.21 -5.93 11.64
C ALA A 246 55.34 -5.02 10.42
N SER A 247 55.42 -5.63 9.25
CA SER A 247 55.24 -4.82 8.06
C SER A 247 53.80 -4.31 8.02
N ILE A 248 53.52 -3.51 6.99
CA ILE A 248 52.24 -3.54 6.28
C ILE A 248 51.57 -4.91 6.20
N ASN A 249 52.31 -5.83 5.57
CA ASN A 249 51.98 -7.24 5.50
C ASN A 249 51.80 -7.78 6.92
N GLN A 250 51.61 -9.08 7.06
CA GLN A 250 51.24 -9.70 8.34
C GLN A 250 49.84 -9.28 8.73
N ASN A 251 49.43 -9.67 9.93
CA ASN A 251 48.12 -9.25 10.36
C ASN A 251 48.05 -7.73 10.40
N VAL A 252 46.92 -7.26 9.90
CA VAL A 252 46.55 -5.86 9.91
C VAL A 252 45.30 -5.77 10.71
N ARG A 253 45.15 -4.67 11.45
CA ARG A 253 43.85 -4.34 11.97
C ARG A 253 43.12 -3.50 10.95
N ILE A 254 41.94 -3.91 10.52
CA ILE A 254 41.08 -3.07 9.70
C ILE A 254 39.86 -2.66 10.48
N ALA A 255 39.77 -1.35 10.66
CA ALA A 255 38.61 -0.69 11.21
C ALA A 255 38.09 0.25 10.16
N LYS A 256 36.82 0.49 10.27
CA LYS A 256 36.21 1.61 9.58
C LYS A 256 35.36 2.31 10.59
N MET A 257 35.45 3.63 10.62
CA MET A 257 34.48 4.39 11.40
C MET A 257 33.61 5.19 10.47
N SER A 258 32.30 5.02 10.53
CA SER A 258 31.40 5.80 9.69
C SER A 258 30.62 6.81 10.49
N LEU A 259 30.66 8.06 10.07
CA LEU A 259 29.87 9.11 10.64
C LEU A 259 28.81 9.54 9.66
N ILE A 260 27.56 9.39 10.06
CA ILE A 260 26.44 9.50 9.17
C ILE A 260 25.68 10.77 9.54
N ASP A 261 25.45 11.63 8.57
CA ASP A 261 24.43 12.67 8.68
C ASP A 261 23.20 12.25 7.89
N LEU A 262 22.23 11.62 8.57
CA LEU A 262 21.04 11.17 7.87
C LEU A 262 20.27 12.39 7.38
N ALA A 263 19.62 12.24 6.24
CA ALA A 263 18.69 13.26 5.83
C ALA A 263 17.42 13.22 6.66
N GLY A 264 16.57 14.22 6.48
CA GLY A 264 15.23 14.19 7.02
C GLY A 264 14.24 13.56 6.04
N SER A 265 13.20 12.95 6.60
CA SER A 265 12.03 12.54 5.82
C SER A 265 11.35 13.77 5.23
N GLU A 266 10.59 13.57 4.17
CA GLU A 266 9.64 14.57 3.75
C GLU A 266 8.24 14.20 4.19
N ARG A 267 7.38 15.20 4.26
CA ARG A 267 5.93 14.98 4.34
C ARG A 267 5.32 15.47 3.04
N ALA A 268 4.40 14.70 2.49
CA ALA A 268 3.65 15.16 1.31
C ALA A 268 2.82 16.38 1.65
N SER A 269 2.11 16.33 2.78
CA SER A 269 1.22 17.43 3.17
C SER A 269 2.01 18.68 3.45
N THR A 270 3.12 18.56 4.19
CA THR A 270 3.91 19.75 4.53
C THR A 270 4.56 20.31 3.29
N SER A 271 5.16 19.43 2.48
CA SER A 271 5.96 19.81 1.32
C SER A 271 5.06 20.58 0.38
N GLY A 272 3.97 19.97 -0.09
CA GLY A 272 3.15 20.52 -1.16
C GLY A 272 3.90 20.59 -2.48
N ALA A 273 5.23 20.74 -2.48
CA ALA A 273 6.05 20.76 -3.68
C ALA A 273 5.88 19.46 -4.45
N LYS A 274 6.14 18.33 -3.78
CA LYS A 274 6.06 16.98 -4.35
C LYS A 274 6.95 16.92 -5.58
N GLY A 275 6.54 16.13 -6.57
CA GLY A 275 7.22 16.09 -7.86
C GLY A 275 8.63 15.54 -7.72
N THR A 276 9.64 16.28 -8.16
CA THR A 276 11.02 15.91 -7.85
C THR A 276 11.32 15.93 -6.35
N ARG A 277 10.75 16.88 -5.60
CA ARG A 277 10.91 16.85 -4.15
C ARG A 277 10.21 15.65 -3.53
N PHE A 278 9.10 15.28 -4.15
CA PHE A 278 8.38 14.10 -3.74
C PHE A 278 9.21 12.84 -3.94
N VAL A 279 9.82 12.71 -5.13
CA VAL A 279 10.55 11.48 -5.42
C VAL A 279 11.74 11.38 -4.48
N GLU A 280 12.45 12.49 -4.23
CA GLU A 280 13.62 12.44 -3.37
C GLU A 280 13.21 12.07 -1.96
N GLY A 281 12.11 12.62 -1.47
CA GLY A 281 11.64 12.29 -0.16
C GLY A 281 11.15 10.86 0.01
N THR A 282 10.53 10.28 -1.03
CA THR A 282 10.19 8.86 -1.02
C THR A 282 11.43 7.99 -0.97
N ASN A 283 12.45 8.33 -1.74
CA ASN A 283 13.70 7.58 -1.74
C ASN A 283 14.39 7.63 -0.39
N ILE A 284 14.40 8.80 0.25
CA ILE A 284 14.96 8.89 1.60
C ILE A 284 14.16 7.98 2.52
N ASN A 285 12.85 8.06 2.49
CA ASN A 285 12.07 7.29 3.43
C ASN A 285 12.27 5.79 3.25
N ARG A 286 12.44 5.32 2.01
CA ARG A 286 12.69 3.91 1.73
C ARG A 286 14.03 3.45 2.30
N SER A 287 15.08 4.26 2.16
CA SER A 287 16.35 3.98 2.83
C SER A 287 16.19 4.02 4.35
N LEU A 288 15.39 4.94 4.89
CA LEU A 288 15.11 5.01 6.31
C LEU A 288 14.32 3.80 6.82
N LEU A 289 13.38 3.28 6.01
CA LEU A 289 12.60 2.12 6.38
C LEU A 289 13.49 0.89 6.44
N ALA A 290 14.37 0.72 5.45
CA ALA A 290 15.29 -0.40 5.45
C ALA A 290 16.21 -0.34 6.65
N LEU A 291 16.74 0.85 6.96
CA LEU A 291 17.61 0.99 8.11
C LEU A 291 16.83 0.61 9.36
N GLY A 292 15.62 1.12 9.54
CA GLY A 292 14.79 0.84 10.71
C GLY A 292 14.43 -0.63 10.85
N ASN A 293 14.25 -1.35 9.73
CA ASN A 293 14.04 -2.80 9.74
C ASN A 293 15.25 -3.53 10.26
N VAL A 294 16.44 -3.09 9.85
CA VAL A 294 17.68 -3.60 10.41
C VAL A 294 17.81 -3.25 11.88
N ILE A 295 17.44 -2.03 12.25
CA ILE A 295 17.60 -1.56 13.61
C ILE A 295 16.77 -2.43 14.53
N ASN A 296 15.45 -2.48 14.30
CA ASN A 296 14.60 -3.27 15.17
C ASN A 296 15.01 -4.73 15.08
N ALA A 297 15.38 -5.19 13.88
CA ALA A 297 15.86 -6.56 13.70
C ALA A 297 17.09 -6.82 14.56
N LEU A 298 17.97 -5.82 14.71
CA LEU A 298 19.21 -5.99 15.47
C LEU A 298 18.88 -6.32 16.92
N ALA A 299 17.95 -5.57 17.52
CA ALA A 299 17.54 -5.85 18.88
C ALA A 299 16.95 -7.26 19.00
N ASP A 300 16.13 -7.66 18.04
CA ASP A 300 15.51 -8.97 18.06
C ASP A 300 16.56 -10.06 17.86
N SER A 301 17.56 -9.78 17.01
CA SER A 301 18.66 -10.66 16.67
C SER A 301 19.77 -10.71 17.71
N LYS A 302 19.65 -9.93 18.79
CA LYS A 302 20.26 -10.27 20.08
C LYS A 302 19.83 -11.67 20.53
N ARG A 303 18.72 -12.10 19.93
CA ARG A 303 18.19 -13.46 19.97
C ARG A 303 18.15 -13.94 18.48
N LYS A 304 18.70 -13.14 17.56
CA LYS A 304 18.73 -13.33 16.08
C LYS A 304 19.66 -14.21 15.18
N ASN A 305 19.27 -14.33 13.90
CA ASN A 305 19.95 -15.06 12.82
C ASN A 305 20.26 -14.13 11.63
N GLN A 306 20.40 -14.71 10.42
CA GLN A 306 20.60 -13.94 9.19
C GLN A 306 19.44 -12.98 8.95
N HIS A 307 18.33 -13.16 9.67
CA HIS A 307 17.05 -12.58 9.30
C HIS A 307 17.10 -11.13 9.00
N ILE A 308 17.91 -10.43 9.79
CA ILE A 308 18.22 -9.04 9.53
C ILE A 308 18.58 -8.82 8.04
N PRO A 309 17.67 -8.15 7.34
CA PRO A 309 17.83 -7.85 5.94
C PRO A 309 18.72 -6.63 5.79
N TYR A 310 20.01 -6.88 5.57
CA TYR A 310 20.85 -5.77 5.16
C TYR A 310 20.54 -5.30 3.75
N ARG A 311 20.13 -6.24 2.89
CA ARG A 311 19.92 -6.02 1.46
C ARG A 311 18.88 -4.95 1.17
N ASN A 312 17.97 -4.65 2.12
CA ASN A 312 16.82 -3.80 1.85
C ASN A 312 17.17 -2.43 1.29
N SER A 313 18.31 -1.86 1.68
CA SER A 313 18.76 -0.60 1.07
C SER A 313 20.25 -0.57 0.81
N LYS A 314 20.68 0.39 0.00
CA LYS A 314 22.11 0.65 -0.22
C LYS A 314 22.81 1.10 1.06
N LEU A 315 22.15 1.88 1.91
CA LEU A 315 22.75 2.31 3.19
C LEU A 315 23.02 1.11 4.04
N THR A 316 22.01 0.28 4.23
CA THR A 316 22.14 -0.85 5.13
C THR A 316 23.17 -1.85 4.61
N ARG A 317 23.28 -1.95 3.28
CA ARG A 317 24.30 -2.75 2.61
C ARG A 317 25.71 -2.22 2.86
N LEU A 318 25.88 -0.90 2.80
CA LEU A 318 27.16 -0.26 3.08
C LEU A 318 27.57 -0.50 4.54
N LEU A 319 26.56 -0.50 5.38
CA LEU A 319 26.64 -0.69 6.80
C LEU A 319 26.71 -2.15 7.26
N LYS A 320 26.65 -3.15 6.35
CA LYS A 320 26.58 -4.61 6.68
C LYS A 320 27.58 -5.01 7.74
N ASP A 321 28.83 -4.59 7.53
CA ASP A 321 29.92 -4.91 8.42
C ASP A 321 29.79 -4.15 9.75
N SER A 322 29.34 -2.89 9.67
CA SER A 322 29.39 -1.85 10.70
C SER A 322 28.29 -1.91 11.75
N LEU A 323 27.05 -2.26 11.39
CA LEU A 323 25.95 -2.51 12.40
C LEU A 323 25.95 -3.90 13.00
N GLY A 324 26.77 -4.69 12.37
CA GLY A 324 27.85 -5.19 13.10
C GLY A 324 27.68 -6.01 14.35
N GLY A 325 27.50 -7.34 14.37
CA GLY A 325 28.21 -8.21 15.36
C GLY A 325 28.38 -7.60 16.77
N ASN A 326 29.58 -7.65 17.35
CA ASN A 326 29.98 -6.68 18.38
C ASN A 326 30.71 -5.43 17.81
N CYS A 327 30.12 -4.72 16.88
CA CYS A 327 30.55 -3.38 16.51
C CYS A 327 30.02 -2.43 17.57
N GLN A 328 30.71 -1.31 17.74
CA GLN A 328 30.14 -0.24 18.52
C GLN A 328 29.28 0.62 17.61
N THR A 329 28.09 0.96 18.10
CA THR A 329 27.25 1.93 17.43
C THR A 329 26.69 2.92 18.42
N ILE A 330 26.48 4.14 17.97
CA ILE A 330 25.69 5.14 18.65
C ILE A 330 24.76 5.86 17.69
N MET A 331 23.56 6.16 18.16
CA MET A 331 22.62 7.02 17.49
C MET A 331 22.52 8.31 18.28
N ILE A 332 22.76 9.45 17.63
CA ILE A 332 22.46 10.77 18.17
C ILE A 332 21.19 11.27 17.52
N ALA A 333 20.10 11.28 18.27
CA ALA A 333 18.88 11.93 17.80
C ALA A 333 18.91 13.40 18.19
N ALA A 334 18.96 14.30 17.22
CA ALA A 334 18.86 15.72 17.51
C ALA A 334 17.43 16.16 17.36
N VAL A 335 17.06 17.06 18.26
CA VAL A 335 15.73 17.57 18.38
C VAL A 335 15.84 18.99 18.91
N SER A 336 14.74 19.73 18.88
CA SER A 336 14.73 21.03 19.52
C SER A 336 13.57 21.15 20.48
N PRO A 337 13.68 22.11 21.40
CA PRO A 337 12.56 22.58 22.17
C PRO A 337 11.54 23.33 21.33
N SER A 338 11.87 23.62 20.07
CA SER A 338 10.98 24.41 19.25
C SER A 338 9.60 23.82 19.08
N SER A 339 8.67 24.70 18.76
CA SER A 339 7.28 24.27 18.63
C SER A 339 7.10 23.30 17.47
N VAL A 340 7.70 23.61 16.31
CA VAL A 340 7.62 22.69 15.15
C VAL A 340 8.32 21.39 15.47
N PHE A 341 9.40 21.50 16.23
CA PHE A 341 10.10 20.32 16.69
C PHE A 341 9.26 19.45 17.57
N TYR A 342 8.14 19.94 18.08
CA TYR A 342 7.28 19.14 18.87
C TYR A 342 6.96 17.81 18.19
N ASP A 343 6.34 17.90 17.00
CA ASP A 343 5.98 16.70 16.27
C ASP A 343 7.24 15.89 15.95
N ASP A 344 8.25 16.60 15.42
CA ASP A 344 9.38 15.88 14.82
C ASP A 344 10.17 15.13 15.90
N THR A 345 10.37 15.80 17.01
CA THR A 345 11.06 15.24 18.16
C THR A 345 10.30 14.08 18.73
N TYR A 346 9.01 14.25 18.95
CA TYR A 346 8.22 13.17 19.50
C TYR A 346 8.28 11.90 18.65
N ASN A 347 8.21 12.09 17.33
CA ASN A 347 8.23 10.96 16.40
C ASN A 347 9.59 10.25 16.46
N THR A 348 10.67 11.03 16.45
CA THR A 348 12.01 10.45 16.46
C THR A 348 12.32 9.80 17.78
N LEU A 349 11.88 10.37 18.89
CA LEU A 349 12.08 9.79 20.20
C LEU A 349 11.31 8.50 20.34
N LYS A 350 10.05 8.44 19.85
CA LYS A 350 9.31 7.18 19.87
C LYS A 350 10.10 6.13 19.12
N TYR A 351 10.71 6.53 18.01
CA TYR A 351 11.43 5.54 17.27
C TYR A 351 12.71 5.08 17.95
N ALA A 352 13.42 6.05 18.52
CA ALA A 352 14.59 5.81 19.33
C ALA A 352 14.25 4.90 20.52
N ASN A 353 13.05 5.07 21.09
CA ASN A 353 12.54 4.28 22.19
C ASN A 353 12.33 2.85 21.73
N ARG A 354 11.85 2.68 20.49
CA ARG A 354 11.62 1.37 19.86
C ARG A 354 12.90 0.58 19.74
N ALA A 355 14.06 1.22 19.51
CA ALA A 355 15.33 0.50 19.52
C ALA A 355 15.65 -0.11 20.89
N LYS A 356 15.42 0.63 21.99
CA LYS A 356 15.55 0.09 23.36
C LYS A 356 14.45 -0.94 23.70
N ASP A 357 13.21 -0.68 23.31
CA ASP A 357 11.97 -1.44 23.61
C ASP A 357 11.93 -2.81 22.92
N ILE A 358 12.16 -2.86 21.60
CA ILE A 358 11.72 -3.98 20.78
C ILE A 358 12.43 -5.27 21.19
N LYS A 359 11.61 -6.16 21.73
CA LYS A 359 11.93 -7.52 22.11
C LYS A 359 10.75 -8.35 21.64
N SER A 360 11.01 -9.63 21.36
CA SER A 360 9.95 -10.60 21.13
C SER A 360 9.51 -11.29 22.43
N ARG B 2 -31.88 23.88 8.13
CA ARG B 2 -32.99 23.06 7.62
C ARG B 2 -32.46 21.90 6.80
N GLU B 3 -31.68 22.13 5.75
CA GLU B 3 -31.19 21.04 4.89
C GLU B 3 -29.98 20.31 5.49
N CYS B 4 -29.51 19.29 4.79
CA CYS B 4 -28.31 18.55 5.11
C CYS B 4 -27.70 18.06 3.80
N ILE B 5 -26.62 18.71 3.33
CA ILE B 5 -25.88 18.20 2.16
C ILE B 5 -25.45 16.76 2.39
N SER B 6 -24.98 16.08 1.36
CA SER B 6 -24.35 14.78 1.48
C SER B 6 -23.16 14.63 0.56
N ILE B 7 -22.10 14.00 1.07
CA ILE B 7 -20.87 13.76 0.31
C ILE B 7 -20.53 12.29 0.29
N HIS B 8 -20.90 11.64 -0.80
CA HIS B 8 -20.67 10.23 -0.99
C HIS B 8 -19.27 9.99 -1.53
N VAL B 9 -18.37 9.55 -0.67
CA VAL B 9 -16.97 9.33 -1.00
C VAL B 9 -16.60 7.84 -1.06
N GLY B 10 -15.75 7.54 -2.04
CA GLY B 10 -15.27 6.20 -2.28
C GLY B 10 -16.27 5.47 -3.12
N GLN B 11 -15.81 4.49 -3.91
CA GLN B 11 -16.70 3.70 -4.76
C GLN B 11 -17.91 3.24 -3.95
N ALA B 12 -17.67 2.54 -2.85
CA ALA B 12 -18.73 2.03 -2.00
C ALA B 12 -19.66 3.10 -1.46
N GLY B 13 -19.14 4.19 -0.89
CA GLY B 13 -19.90 5.38 -0.47
C GLY B 13 -20.73 6.01 -1.60
N VAL B 14 -20.38 5.70 -2.86
CA VAL B 14 -21.08 6.08 -4.07
C VAL B 14 -22.10 5.02 -4.53
N GLN B 15 -21.85 3.73 -4.34
CA GLN B 15 -22.79 2.63 -4.64
C GLN B 15 -23.97 2.65 -3.67
N ILE B 16 -23.65 2.76 -2.38
CA ILE B 16 -24.61 3.05 -1.30
C ILE B 16 -25.30 4.38 -1.58
N GLY B 17 -24.57 5.35 -2.14
CA GLY B 17 -25.05 6.67 -2.45
C GLY B 17 -26.11 6.61 -3.52
N ASN B 18 -25.85 5.91 -4.62
CA ASN B 18 -26.81 5.66 -5.70
C ASN B 18 -28.07 4.96 -5.17
N ALA B 19 -27.91 4.07 -4.18
CA ALA B 19 -29.02 3.36 -3.56
C ALA B 19 -29.87 4.19 -2.58
N CYS B 20 -29.25 4.84 -1.58
CA CYS B 20 -29.95 5.79 -0.72
C CYS B 20 -30.61 6.89 -1.57
N TRP B 21 -29.92 7.30 -2.64
CA TRP B 21 -30.45 8.30 -3.56
C TRP B 21 -31.59 7.78 -4.41
N GLU B 22 -31.64 6.47 -4.65
CA GLU B 22 -32.72 5.82 -5.37
C GLU B 22 -33.98 5.80 -4.53
N LEU B 23 -33.88 5.21 -3.32
CA LEU B 23 -35.00 5.13 -2.39
C LEU B 23 -35.68 6.49 -2.15
N TYR B 24 -34.90 7.57 -2.21
CA TYR B 24 -35.41 8.92 -2.09
C TYR B 24 -36.48 9.28 -3.09
N CYS B 25 -36.10 9.50 -4.34
CA CYS B 25 -37.09 9.88 -5.33
C CYS B 25 -38.29 8.93 -5.39
N LEU B 26 -38.03 7.65 -5.08
CA LEU B 26 -38.99 6.57 -5.09
C LEU B 26 -40.13 6.81 -4.10
N GLU B 27 -39.86 7.48 -2.98
CA GLU B 27 -40.84 7.86 -1.96
C GLU B 27 -41.20 9.34 -1.98
N HIS B 28 -40.82 10.05 -3.03
CA HIS B 28 -41.08 11.49 -3.20
C HIS B 28 -41.71 11.79 -4.56
N GLY B 29 -42.05 10.76 -5.33
CA GLY B 29 -42.72 10.88 -6.63
C GLY B 29 -41.91 11.68 -7.66
N ILE B 30 -40.58 11.65 -7.60
CA ILE B 30 -39.70 12.36 -8.52
C ILE B 30 -38.96 11.35 -9.40
N GLN B 31 -39.57 10.95 -10.51
CA GLN B 31 -38.99 9.97 -11.44
C GLN B 31 -37.57 10.37 -11.97
N PRO B 32 -36.91 9.56 -12.83
CA PRO B 32 -35.56 9.78 -13.37
C PRO B 32 -35.15 11.24 -13.59
N ASP B 33 -35.98 11.98 -14.30
CA ASP B 33 -35.80 13.39 -14.62
C ASP B 33 -36.94 14.21 -14.02
N GLY B 34 -36.73 14.80 -12.84
CA GLY B 34 -37.72 15.67 -12.22
C GLY B 34 -37.29 17.13 -12.18
N HIS B 61 -36.18 16.79 -9.59
CA HIS B 61 -35.79 18.17 -9.40
C HIS B 61 -34.28 18.35 -9.62
N VAL B 62 -33.55 18.38 -8.51
CA VAL B 62 -32.11 18.53 -8.38
C VAL B 62 -31.75 17.87 -7.04
N PRO B 63 -30.69 17.06 -6.98
CA PRO B 63 -30.17 16.48 -5.76
C PRO B 63 -29.58 17.56 -4.87
N ARG B 64 -28.89 17.14 -3.81
CA ARG B 64 -28.39 18.07 -2.80
C ARG B 64 -27.06 17.56 -2.22
N ALA B 65 -26.27 16.92 -3.08
CA ALA B 65 -25.09 16.18 -2.68
C ALA B 65 -24.01 16.17 -3.74
N VAL B 66 -22.92 15.48 -3.44
CA VAL B 66 -21.80 15.30 -4.36
C VAL B 66 -21.28 13.88 -4.30
N PHE B 67 -20.44 13.53 -5.26
CA PHE B 67 -19.85 12.21 -5.40
C PHE B 67 -18.37 12.31 -5.69
N VAL B 68 -17.55 11.69 -4.84
CA VAL B 68 -16.09 11.77 -4.94
C VAL B 68 -15.47 10.39 -5.07
N ASP B 69 -14.54 10.28 -6.00
CA ASP B 69 -13.76 9.07 -6.21
C ASP B 69 -12.51 9.36 -7.06
N LEU B 70 -11.43 8.63 -6.78
CA LEU B 70 -10.17 8.70 -7.54
C LEU B 70 -10.07 7.57 -8.58
N GLU B 71 -11.19 6.89 -8.80
CA GLU B 71 -11.37 5.90 -9.85
C GLU B 71 -12.55 6.33 -10.71
N PRO B 72 -12.32 6.79 -11.95
CA PRO B 72 -13.39 7.35 -12.77
C PRO B 72 -14.53 6.37 -13.04
N THR B 73 -14.18 5.11 -13.38
CA THR B 73 -15.12 4.07 -13.82
C THR B 73 -16.30 3.87 -12.86
N VAL B 74 -16.16 4.18 -11.57
CA VAL B 74 -17.28 4.02 -10.63
C VAL B 74 -18.25 5.18 -10.63
N ILE B 75 -17.77 6.42 -10.50
CA ILE B 75 -18.67 7.58 -10.59
C ILE B 75 -19.28 7.63 -11.99
N ASP B 76 -18.56 7.07 -12.95
CA ASP B 76 -19.05 6.83 -14.29
C ASP B 76 -20.29 5.92 -14.32
N GLU B 77 -20.46 5.01 -13.35
CA GLU B 77 -21.67 4.19 -13.23
C GLU B 77 -22.90 5.01 -12.85
N VAL B 78 -22.70 6.18 -12.22
CA VAL B 78 -23.74 7.17 -11.95
C VAL B 78 -23.94 8.09 -13.16
N ARG B 79 -22.93 8.17 -14.03
CA ARG B 79 -22.95 8.90 -15.31
C ARG B 79 -23.45 8.08 -16.49
N THR B 80 -23.51 6.76 -16.35
CA THR B 80 -23.92 5.80 -17.38
C THR B 80 -25.23 5.14 -17.02
N GLY B 81 -25.29 4.55 -15.82
CA GLY B 81 -26.43 3.78 -15.35
C GLY B 81 -27.62 4.65 -14.96
N THR B 82 -28.53 4.03 -14.20
CA THR B 82 -29.76 4.66 -13.74
C THR B 82 -29.48 5.98 -13.01
N TYR B 83 -30.49 6.84 -12.84
CA TYR B 83 -30.33 8.13 -12.16
C TYR B 83 -29.22 8.95 -12.85
N ARG B 84 -29.17 8.89 -14.18
CA ARG B 84 -28.08 9.46 -14.94
C ARG B 84 -28.14 10.98 -14.99
N GLN B 85 -29.31 11.49 -15.41
CA GLN B 85 -29.57 12.92 -15.58
C GLN B 85 -30.21 13.58 -14.36
N LEU B 86 -30.35 12.85 -13.25
CA LEU B 86 -30.79 13.46 -12.01
C LEU B 86 -29.64 14.21 -11.34
N PHE B 87 -28.42 14.20 -11.85
CA PHE B 87 -27.28 14.87 -11.25
C PHE B 87 -26.73 15.91 -12.19
N HIS B 88 -26.03 16.85 -11.58
CA HIS B 88 -25.22 17.79 -12.33
C HIS B 88 -23.86 17.15 -12.47
N PRO B 89 -23.23 17.18 -13.66
CA PRO B 89 -21.81 16.82 -13.84
C PRO B 89 -20.83 17.64 -12.97
N GLU B 90 -21.35 18.59 -12.20
CA GLU B 90 -20.65 19.45 -11.27
C GLU B 90 -20.60 18.87 -9.86
N GLN B 91 -21.61 18.10 -9.44
CA GLN B 91 -21.64 17.36 -8.17
C GLN B 91 -21.10 15.92 -8.33
N LEU B 92 -20.38 15.64 -9.40
CA LEU B 92 -19.75 14.36 -9.69
C LEU B 92 -18.26 14.58 -9.90
N ILE B 93 -17.50 14.60 -8.81
CA ILE B 93 -16.05 14.76 -8.82
C ILE B 93 -15.38 13.41 -9.07
N THR B 94 -14.37 13.45 -9.92
CA THR B 94 -13.55 12.29 -10.26
C THR B 94 -12.10 12.72 -10.40
N GLY B 95 -11.18 11.82 -10.09
CA GLY B 95 -9.76 12.01 -10.34
C GLY B 95 -9.30 10.83 -11.18
N LYS B 96 -9.38 10.95 -12.51
CA LYS B 96 -9.03 9.90 -13.51
C LYS B 96 -7.84 9.02 -13.17
N GLU B 97 -6.92 9.59 -12.39
CA GLU B 97 -5.72 9.00 -11.79
C GLU B 97 -6.05 7.67 -11.10
N ASP B 98 -5.60 7.48 -9.87
CA ASP B 98 -5.58 6.17 -9.26
C ASP B 98 -6.19 6.16 -7.88
N ALA B 99 -6.98 5.12 -7.61
CA ALA B 99 -7.66 4.98 -6.33
C ALA B 99 -6.70 4.64 -5.22
N ALA B 100 -6.06 3.47 -5.39
CA ALA B 100 -5.13 2.87 -4.45
C ALA B 100 -5.82 2.48 -3.16
N ASN B 101 -5.84 1.20 -2.78
CA ASN B 101 -6.41 0.79 -1.48
C ASN B 101 -5.55 1.16 -0.28
N ASN B 102 -5.01 2.37 -0.26
CA ASN B 102 -4.19 2.85 0.82
C ASN B 102 -4.59 4.29 1.15
N TYR B 103 -4.94 4.47 2.42
CA TYR B 103 -5.17 5.71 3.13
C TYR B 103 -4.23 6.83 2.69
N ALA B 104 -2.94 6.73 2.99
CA ALA B 104 -1.91 7.72 2.69
C ALA B 104 -2.04 8.39 1.35
N ARG B 105 -1.97 7.57 0.29
CA ARG B 105 -2.11 8.03 -1.06
C ARG B 105 -3.41 8.81 -1.18
N GLY B 106 -4.54 8.18 -0.85
CA GLY B 106 -5.85 8.81 -0.94
C GLY B 106 -6.08 10.01 -0.03
N HIS B 107 -5.40 10.13 1.12
CA HIS B 107 -5.46 11.32 1.97
C HIS B 107 -4.48 12.39 1.51
N TYR B 108 -3.19 12.10 1.70
CA TYR B 108 -2.04 12.89 1.32
C TYR B 108 -1.91 12.87 -0.19
N THR B 109 -0.75 12.45 -0.73
CA THR B 109 -0.38 12.41 -2.15
C THR B 109 -1.50 12.77 -3.12
N ILE B 110 -2.29 11.79 -3.57
CA ILE B 110 -3.21 11.96 -4.69
C ILE B 110 -4.45 12.71 -4.23
N GLY B 111 -5.20 12.15 -3.30
CA GLY B 111 -6.50 12.69 -2.87
C GLY B 111 -6.46 14.16 -2.50
N LYS B 112 -5.26 14.66 -2.14
CA LYS B 112 -5.01 16.07 -1.99
C LYS B 112 -5.41 16.88 -3.22
N GLU B 113 -4.85 16.60 -4.39
CA GLU B 113 -5.11 17.37 -5.62
C GLU B 113 -6.59 17.67 -5.87
N ILE B 114 -7.49 16.76 -5.51
CA ILE B 114 -8.92 16.87 -5.78
C ILE B 114 -9.62 17.68 -4.71
N ILE B 115 -9.26 17.52 -3.43
CA ILE B 115 -9.93 18.14 -2.28
C ILE B 115 -10.42 19.57 -2.53
N ASP B 116 -9.60 20.50 -3.00
CA ASP B 116 -9.98 21.89 -3.26
C ASP B 116 -11.27 21.97 -4.07
N LEU B 117 -11.23 21.35 -5.26
CA LEU B 117 -12.36 21.17 -6.16
C LEU B 117 -13.58 20.55 -5.48
N VAL B 118 -13.35 19.52 -4.66
CA VAL B 118 -14.37 18.83 -3.88
C VAL B 118 -15.07 19.81 -2.95
N LEU B 119 -14.27 20.44 -2.07
CA LEU B 119 -14.70 21.48 -1.15
C LEU B 119 -15.52 22.53 -1.89
N ASP B 120 -15.00 23.02 -3.00
CA ASP B 120 -15.65 24.04 -3.80
C ASP B 120 -17.11 23.72 -4.05
N ARG B 121 -17.46 22.45 -4.32
CA ARG B 121 -18.87 22.04 -4.43
C ARG B 121 -19.59 22.06 -3.10
N ILE B 122 -19.05 21.53 -2.02
CA ILE B 122 -19.69 21.59 -0.69
C ILE B 122 -19.62 23.00 -0.05
N ARG B 123 -19.18 24.00 -0.81
CA ARG B 123 -19.17 25.43 -0.52
C ARG B 123 -20.01 26.21 -1.54
N LYS B 124 -20.22 25.65 -2.73
CA LYS B 124 -21.09 26.15 -3.79
C LYS B 124 -22.54 25.66 -3.62
N LEU B 125 -22.69 24.41 -3.18
CA LEU B 125 -23.94 23.73 -2.85
C LEU B 125 -24.39 24.14 -1.44
N ALA B 126 -23.44 24.48 -0.55
CA ALA B 126 -23.73 24.96 0.81
C ALA B 126 -24.16 26.41 0.86
N ASP B 127 -23.88 27.18 -0.19
CA ASP B 127 -24.24 28.59 -0.28
C ASP B 127 -25.65 28.76 -0.84
N GLN B 128 -25.92 28.08 -1.96
CA GLN B 128 -27.19 28.13 -2.68
C GLN B 128 -28.42 27.92 -1.77
N CYS B 129 -28.31 27.04 -0.77
CA CYS B 129 -29.40 26.69 0.13
C CYS B 129 -29.87 27.85 1.04
N THR B 130 -30.66 27.49 2.05
CA THR B 130 -31.21 28.41 3.04
C THR B 130 -31.00 27.84 4.42
N GLY B 131 -30.08 28.43 5.20
CA GLY B 131 -29.77 28.02 6.57
C GLY B 131 -29.73 26.50 6.73
N LEU B 132 -28.68 25.83 6.27
CA LEU B 132 -28.52 24.37 6.36
C LEU B 132 -28.25 23.92 7.81
N GLN B 133 -28.14 22.61 7.99
CA GLN B 133 -27.83 21.99 9.27
C GLN B 133 -26.54 21.16 9.25
N GLY B 134 -26.09 20.66 8.10
CA GLY B 134 -24.86 19.86 8.07
C GLY B 134 -24.67 19.07 6.79
N PHE B 135 -23.76 18.11 6.81
CA PHE B 135 -23.42 17.25 5.67
C PHE B 135 -23.44 15.77 6.10
N SER B 136 -24.40 14.99 5.61
CA SER B 136 -24.43 13.54 5.76
C SER B 136 -23.41 12.88 4.83
N VAL B 137 -22.24 12.61 5.39
CA VAL B 137 -21.11 12.03 4.64
C VAL B 137 -21.34 10.55 4.44
N PHE B 138 -21.03 9.98 3.27
CA PHE B 138 -21.10 8.53 3.06
C PHE B 138 -19.75 7.99 2.62
N HIS B 139 -19.07 7.23 3.48
CA HIS B 139 -17.77 6.63 3.17
C HIS B 139 -17.66 5.20 3.67
N SER B 140 -16.64 4.51 3.18
CA SER B 140 -16.44 3.09 3.47
C SER B 140 -15.12 2.83 4.15
N PHE B 141 -14.97 3.38 5.36
CA PHE B 141 -13.86 3.16 6.30
C PHE B 141 -12.58 2.51 5.76
N GLY B 142 -12.61 1.21 5.41
CA GLY B 142 -11.44 0.49 4.89
C GLY B 142 -11.25 0.55 3.37
N GLY B 143 -11.19 1.75 2.78
CA GLY B 143 -10.88 1.91 1.35
C GLY B 143 -9.68 2.81 1.13
N GLY B 144 -9.45 3.28 -0.10
CA GLY B 144 -8.41 4.30 -0.34
C GLY B 144 -8.96 5.70 -0.47
N THR B 145 -9.91 5.83 -1.39
CA THR B 145 -10.69 7.06 -1.54
C THR B 145 -11.71 7.22 -0.40
N GLY B 146 -12.18 6.14 0.19
CA GLY B 146 -13.17 6.25 1.26
C GLY B 146 -12.57 6.54 2.63
N SER B 147 -11.39 6.01 2.90
CA SER B 147 -10.68 6.26 4.16
C SER B 147 -9.99 7.62 4.10
N GLY B 148 -8.93 7.66 3.30
CA GLY B 148 -7.95 8.70 3.20
C GLY B 148 -8.59 9.99 2.78
N PHE B 149 -9.06 10.12 1.57
CA PHE B 149 -9.67 11.38 1.14
C PHE B 149 -10.63 11.98 2.17
N THR B 150 -11.69 11.28 2.57
CA THR B 150 -12.71 11.82 3.48
C THR B 150 -12.13 12.30 4.77
N SER B 151 -11.12 11.60 5.26
CA SER B 151 -10.34 12.00 6.41
C SER B 151 -9.97 13.45 6.35
N LEU B 152 -9.44 13.94 5.21
CA LEU B 152 -9.20 15.37 5.01
C LEU B 152 -10.41 16.21 4.58
N LEU B 153 -11.42 15.59 3.97
CA LEU B 153 -12.63 16.28 3.54
C LEU B 153 -13.40 16.73 4.77
N MET B 154 -13.81 15.78 5.62
CA MET B 154 -14.31 16.04 6.97
C MET B 154 -13.37 16.94 7.75
N GLU B 155 -12.07 16.81 7.48
CA GLU B 155 -11.05 17.64 8.13
C GLU B 155 -11.25 19.12 7.82
N ARG B 156 -11.24 19.39 6.50
CA ARG B 156 -11.45 20.73 5.97
C ARG B 156 -12.85 21.26 6.26
N LEU B 157 -13.84 20.42 6.56
CA LEU B 157 -15.20 20.83 6.92
C LEU B 157 -15.30 21.33 8.35
N SER B 158 -14.78 20.57 9.31
CA SER B 158 -14.81 20.95 10.72
C SER B 158 -14.19 22.30 11.03
N VAL B 159 -13.40 22.83 10.10
CA VAL B 159 -12.83 24.17 10.17
C VAL B 159 -13.66 25.20 9.41
N ASP B 160 -14.14 24.86 8.21
CA ASP B 160 -14.90 25.80 7.36
C ASP B 160 -16.35 26.00 7.84
N TYR B 161 -16.86 25.03 8.61
CA TYR B 161 -18.21 25.01 9.12
C TYR B 161 -18.30 24.33 10.48
N GLY B 162 -17.37 24.66 11.39
CA GLY B 162 -17.40 24.09 12.75
C GLY B 162 -18.76 24.28 13.45
N LYS B 163 -19.52 25.30 13.02
CA LYS B 163 -20.89 25.65 13.43
C LYS B 163 -22.04 24.78 12.88
N LYS B 164 -21.81 23.52 12.52
CA LYS B 164 -22.86 22.68 11.90
C LYS B 164 -22.76 21.25 12.41
N SER B 165 -23.59 20.41 11.82
CA SER B 165 -23.58 18.97 12.03
C SER B 165 -22.71 18.26 11.01
N LYS B 166 -21.94 17.27 11.47
CA LYS B 166 -21.06 16.43 10.66
C LYS B 166 -21.36 14.96 10.89
N LEU B 167 -22.52 14.52 10.46
CA LEU B 167 -22.91 13.13 10.68
C LEU B 167 -22.36 12.28 9.56
N GLU B 168 -21.33 11.47 9.83
CA GLU B 168 -20.76 10.59 8.81
C GLU B 168 -21.34 9.18 8.91
N PHE B 169 -21.96 8.75 7.82
CA PHE B 169 -22.48 7.41 7.71
C PHE B 169 -21.42 6.48 7.12
N SER B 170 -20.80 5.67 7.98
CA SER B 170 -19.77 4.71 7.61
C SER B 170 -20.27 3.28 7.43
N ILE B 171 -19.46 2.55 6.66
CA ILE B 171 -19.56 1.11 6.42
C ILE B 171 -18.28 0.46 6.90
N TYR B 172 -18.15 0.37 8.22
CA TYR B 172 -16.93 -0.13 8.80
C TYR B 172 -16.69 -1.60 8.36
N PRO B 173 -15.39 -1.98 8.15
CA PRO B 173 -14.85 -3.33 8.03
C PRO B 173 -15.64 -4.50 8.61
N ALA B 174 -15.93 -5.46 7.73
CA ALA B 174 -16.51 -6.72 8.15
C ALA B 174 -15.58 -7.44 9.17
N PRO B 175 -16.15 -7.93 10.28
CA PRO B 175 -15.45 -8.50 11.44
C PRO B 175 -14.54 -9.70 11.09
N GLN B 176 -14.87 -10.45 10.04
CA GLN B 176 -14.06 -11.58 9.53
C GLN B 176 -13.97 -11.61 8.01
N VAL B 177 -14.91 -10.97 7.34
CA VAL B 177 -15.09 -11.01 5.90
C VAL B 177 -14.61 -9.70 5.27
N SER B 178 -13.45 -9.23 5.72
CA SER B 178 -12.89 -8.04 5.10
C SER B 178 -12.53 -8.34 3.64
N THR B 179 -12.23 -7.29 2.91
CA THR B 179 -11.82 -7.44 1.50
C THR B 179 -10.35 -7.10 1.34
N ALA B 180 -10.05 -5.79 1.31
CA ALA B 180 -8.68 -5.32 1.22
C ALA B 180 -7.80 -6.04 2.23
N VAL B 181 -6.57 -6.28 1.82
CA VAL B 181 -5.60 -6.99 2.66
C VAL B 181 -5.19 -6.10 3.83
N VAL B 182 -5.15 -4.80 3.54
CA VAL B 182 -4.71 -3.77 4.47
C VAL B 182 -5.82 -3.17 5.29
N GLU B 183 -7.09 -3.21 4.85
CA GLU B 183 -8.31 -2.71 5.52
C GLU B 183 -8.09 -1.98 6.86
N PRO B 184 -7.67 -2.66 7.95
CA PRO B 184 -7.33 -2.01 9.22
C PRO B 184 -6.39 -0.80 9.13
N TYR B 185 -5.30 -0.83 8.35
CA TYR B 185 -4.48 0.36 8.10
C TYR B 185 -5.32 1.54 7.61
N ASN B 186 -6.20 1.28 6.65
CA ASN B 186 -7.10 2.30 6.17
C ASN B 186 -8.17 2.72 7.18
N SER B 187 -8.59 1.87 8.11
CA SER B 187 -9.71 2.16 9.01
C SER B 187 -9.32 2.60 10.41
N ILE B 188 -8.08 2.33 10.84
CA ILE B 188 -7.50 2.97 12.03
C ILE B 188 -7.05 4.40 11.68
N LEU B 189 -6.88 4.68 10.40
CA LEU B 189 -6.46 6.00 9.96
C LEU B 189 -7.60 6.91 9.58
N THR B 190 -8.74 6.35 9.18
CA THR B 190 -9.92 7.20 8.96
C THR B 190 -10.58 7.54 10.26
N THR B 191 -10.48 6.66 11.26
CA THR B 191 -11.10 6.90 12.55
C THR B 191 -10.38 8.03 13.29
N HIS B 192 -9.04 8.03 13.33
CA HIS B 192 -8.25 8.96 14.16
C HIS B 192 -8.30 10.39 13.59
N THR B 193 -8.38 10.48 12.27
CA THR B 193 -8.34 11.77 11.58
C THR B 193 -9.72 12.42 11.55
N THR B 194 -10.78 11.59 11.52
CA THR B 194 -12.17 12.05 11.46
C THR B 194 -12.74 12.25 12.86
N LEU B 195 -12.18 11.54 13.85
CA LEU B 195 -12.68 11.49 15.22
C LEU B 195 -12.86 12.88 15.81
N GLU B 196 -11.88 13.73 15.56
CA GLU B 196 -11.80 15.08 16.10
C GLU B 196 -12.60 16.09 15.25
N HIS B 197 -13.42 15.58 14.33
CA HIS B 197 -14.05 16.32 13.25
C HIS B 197 -15.50 15.95 13.02
N SER B 198 -15.94 14.73 13.32
CA SER B 198 -17.34 14.36 13.18
C SER B 198 -18.17 14.78 14.37
N ASP B 199 -19.46 14.78 14.14
CA ASP B 199 -20.45 15.01 15.18
C ASP B 199 -21.08 13.73 15.67
N CYS B 200 -21.58 12.90 14.76
CA CYS B 200 -22.10 11.57 15.09
C CYS B 200 -21.80 10.66 13.91
N ALA B 201 -21.10 9.56 14.12
CA ALA B 201 -20.75 8.66 13.04
C ALA B 201 -21.69 7.45 13.02
N PHE B 202 -22.66 7.40 12.11
CA PHE B 202 -23.44 6.17 11.98
C PHE B 202 -22.58 5.05 11.47
N MET B 203 -22.89 3.83 11.88
CA MET B 203 -22.16 2.65 11.45
C MET B 203 -23.09 1.54 11.03
N VAL B 204 -22.74 0.95 9.91
CA VAL B 204 -23.40 -0.19 9.32
C VAL B 204 -22.31 -1.16 8.90
N ASP B 205 -22.29 -2.33 9.50
CA ASP B 205 -21.33 -3.38 9.16
C ASP B 205 -21.81 -4.20 7.96
N ASN B 206 -20.99 -4.25 6.94
CA ASN B 206 -21.28 -4.99 5.73
C ASN B 206 -21.62 -6.48 5.96
N GLU B 207 -20.82 -7.22 6.75
CA GLU B 207 -21.11 -8.63 7.04
C GLU B 207 -22.36 -8.82 7.90
N ALA B 208 -22.46 -8.12 9.03
CA ALA B 208 -23.65 -8.30 9.89
C ALA B 208 -24.96 -7.88 9.22
N ILE B 209 -24.89 -7.27 8.04
CA ILE B 209 -26.04 -7.10 7.17
C ILE B 209 -26.35 -8.38 6.42
N TYR B 210 -25.34 -9.08 5.92
CA TYR B 210 -25.54 -10.33 5.20
C TYR B 210 -26.27 -11.36 6.04
N ASP B 211 -25.98 -11.40 7.33
CA ASP B 211 -26.74 -12.23 8.24
C ASP B 211 -28.22 -11.92 8.21
N ILE B 212 -28.60 -10.65 8.15
CA ILE B 212 -29.99 -10.21 7.97
C ILE B 212 -30.55 -10.67 6.62
N CYS B 213 -29.73 -10.70 5.58
CA CYS B 213 -30.14 -11.19 4.26
C CYS B 213 -30.28 -12.72 4.23
N ARG B 214 -29.57 -13.44 5.10
CA ARG B 214 -29.63 -14.89 5.20
C ARG B 214 -30.74 -15.34 6.14
N ARG B 215 -30.73 -14.79 7.35
CA ARG B 215 -31.59 -15.14 8.48
C ARG B 215 -32.93 -14.43 8.44
N ASN B 216 -33.00 -13.17 8.04
CA ASN B 216 -34.21 -12.34 8.16
C ASN B 216 -34.78 -11.94 6.82
N LEU B 217 -34.57 -12.75 5.79
CA LEU B 217 -35.02 -12.39 4.44
C LEU B 217 -34.84 -13.55 3.47
N ASP B 218 -33.93 -14.46 3.85
CA ASP B 218 -33.58 -15.70 3.18
C ASP B 218 -33.17 -15.51 1.72
N ILE B 219 -31.86 -15.44 1.50
CA ILE B 219 -31.24 -15.24 0.19
C ILE B 219 -29.74 -15.41 0.38
N GLU B 220 -29.18 -16.38 -0.33
CA GLU B 220 -27.72 -16.57 -0.44
C GLU B 220 -27.18 -15.95 -1.73
N ARG B 221 -28.06 -15.18 -2.40
CA ARG B 221 -27.76 -14.28 -3.51
C ARG B 221 -27.84 -12.80 -3.08
N PRO B 222 -27.13 -12.28 -2.06
CA PRO B 222 -27.19 -10.85 -1.78
C PRO B 222 -26.15 -10.12 -2.64
N THR B 223 -26.60 -9.47 -3.71
CA THR B 223 -25.70 -8.58 -4.45
C THR B 223 -25.35 -7.39 -3.56
N TYR B 224 -24.25 -6.68 -3.82
CA TYR B 224 -23.98 -5.41 -3.15
C TYR B 224 -25.10 -4.40 -3.31
N THR B 225 -25.75 -4.47 -4.47
CA THR B 225 -26.95 -3.71 -4.78
C THR B 225 -28.07 -3.87 -3.77
N ASN B 226 -28.07 -4.90 -2.90
CA ASN B 226 -29.06 -5.18 -1.86
C ASN B 226 -28.71 -4.58 -0.52
N LEU B 227 -27.49 -4.81 -0.03
CA LEU B 227 -27.01 -4.15 1.19
C LEU B 227 -27.18 -2.65 1.07
N ASN B 228 -26.95 -2.14 -0.14
CA ASN B 228 -27.18 -0.76 -0.44
C ASN B 228 -28.66 -0.35 -0.39
N ARG B 229 -29.61 -1.21 -0.80
CA ARG B 229 -31.06 -0.98 -0.60
C ARG B 229 -31.41 -0.92 0.87
N LEU B 230 -30.72 -1.71 1.68
CA LEU B 230 -30.97 -1.82 3.11
C LEU B 230 -30.47 -0.61 3.89
N ILE B 231 -29.22 -0.21 3.66
CA ILE B 231 -28.73 1.07 4.19
C ILE B 231 -29.48 2.21 3.54
N GLY B 232 -29.80 2.00 2.27
CA GLY B 232 -30.66 2.86 1.49
C GLY B 232 -32.03 3.04 2.15
N GLN B 233 -32.43 2.12 3.04
CA GLN B 233 -33.64 2.16 3.87
C GLN B 233 -33.43 2.81 5.23
N ILE B 234 -32.57 2.24 6.06
CA ILE B 234 -32.23 2.81 7.36
C ILE B 234 -31.90 4.29 7.19
N VAL B 235 -31.17 4.68 6.16
CA VAL B 235 -30.77 6.08 5.94
C VAL B 235 -31.97 6.94 5.62
N SER B 236 -32.92 6.42 4.85
CA SER B 236 -34.16 7.13 4.54
C SER B 236 -34.93 7.51 5.79
N SER B 237 -34.79 6.67 6.79
CA SER B 237 -35.37 6.95 8.07
C SER B 237 -34.71 8.09 8.84
N ILE B 238 -33.41 8.28 8.60
CA ILE B 238 -32.59 9.30 9.22
C ILE B 238 -32.97 10.64 8.62
N THR B 239 -32.42 10.99 7.46
CA THR B 239 -32.69 12.28 6.86
C THR B 239 -34.12 12.34 6.33
N ALA B 240 -34.34 11.79 5.13
CA ALA B 240 -35.57 11.84 4.32
C ALA B 240 -36.83 12.18 5.13
N SER B 241 -37.34 11.16 5.83
CA SER B 241 -38.59 11.21 6.59
C SER B 241 -38.51 12.02 7.87
N LEU B 242 -37.34 12.21 8.45
CA LEU B 242 -37.26 12.95 9.69
C LEU B 242 -37.19 14.46 9.51
N ARG B 243 -36.45 14.89 8.48
CA ARG B 243 -36.52 16.26 7.96
C ARG B 243 -37.90 16.58 7.40
N PHE B 244 -38.72 15.56 7.21
CA PHE B 244 -40.13 15.61 6.87
C PHE B 244 -40.93 15.70 8.18
N ASP B 245 -41.86 16.66 8.24
CA ASP B 245 -42.94 16.77 9.22
C ASP B 245 -43.44 15.44 9.79
N GLY B 246 -43.95 15.51 11.01
CA GLY B 246 -44.44 14.34 11.72
C GLY B 246 -44.98 14.71 13.10
N ALA B 247 -45.44 13.69 13.82
CA ALA B 247 -46.00 13.90 15.15
C ALA B 247 -44.93 14.09 16.25
N LEU B 248 -43.65 13.86 15.93
CA LEU B 248 -42.55 14.01 16.90
C LEU B 248 -41.20 14.27 16.24
N ASN B 249 -41.17 15.22 15.30
CA ASN B 249 -39.97 15.60 14.53
C ASN B 249 -38.67 15.56 15.33
N VAL B 250 -37.58 15.27 14.60
CA VAL B 250 -36.24 15.16 15.18
C VAL B 250 -35.22 15.73 14.18
N ASP B 251 -34.91 17.01 14.31
CA ASP B 251 -33.77 17.63 13.62
C ASP B 251 -32.48 16.74 13.66
N LEU B 252 -31.48 17.03 12.82
CA LEU B 252 -30.17 16.39 12.78
C LEU B 252 -29.37 16.78 14.01
N THR B 253 -29.39 18.06 14.39
CA THR B 253 -28.77 18.48 15.65
C THR B 253 -29.31 17.64 16.82
N GLU B 254 -30.63 17.40 16.83
CA GLU B 254 -31.25 16.55 17.86
C GLU B 254 -30.52 15.24 18.09
N PHE B 255 -30.08 14.57 17.01
CA PHE B 255 -29.27 13.35 17.05
C PHE B 255 -28.08 13.58 17.92
N GLN B 256 -27.01 14.20 17.42
CA GLN B 256 -25.77 14.38 18.15
C GLN B 256 -26.00 14.88 19.59
N THR B 257 -27.03 15.70 19.82
CA THR B 257 -27.41 16.08 21.18
C THR B 257 -27.89 14.89 22.01
N ASN B 258 -29.00 14.28 21.61
CA ASN B 258 -29.60 13.13 22.29
C ASN B 258 -28.82 11.81 22.12
N LEU B 259 -27.80 11.78 21.26
CA LEU B 259 -27.07 10.57 20.87
C LEU B 259 -25.61 10.50 21.28
N VAL B 260 -24.91 11.62 21.41
CA VAL B 260 -23.50 11.58 21.80
C VAL B 260 -23.39 12.04 23.24
N PRO B 261 -22.87 11.21 24.15
CA PRO B 261 -22.63 11.65 25.50
C PRO B 261 -21.31 12.43 25.59
N TYR B 262 -20.37 12.15 24.67
CA TYR B 262 -19.04 12.73 24.73
C TYR B 262 -18.47 13.08 23.36
N PRO B 263 -17.67 14.16 23.28
CA PRO B 263 -17.07 14.78 22.09
C PRO B 263 -16.36 13.89 21.09
N ARG B 264 -15.82 12.74 21.49
CA ARG B 264 -15.39 11.75 20.49
C ARG B 264 -16.56 11.65 19.53
N GLY B 265 -16.35 11.68 18.22
CA GLY B 265 -17.38 11.69 17.16
C GLY B 265 -18.30 10.45 17.11
N HIS B 266 -18.52 9.85 18.29
CA HIS B 266 -19.24 8.69 18.74
C HIS B 266 -20.16 8.14 17.69
N PHE B 267 -20.14 6.82 17.72
CA PHE B 267 -20.50 6.05 16.58
C PHE B 267 -21.65 5.15 16.97
N PRO B 268 -22.89 5.65 16.88
CA PRO B 268 -24.02 4.79 17.04
C PRO B 268 -24.13 3.76 15.90
N LEU B 269 -25.03 2.81 16.08
CA LEU B 269 -25.23 1.68 15.18
C LEU B 269 -26.58 1.81 14.58
N ALA B 270 -26.75 1.48 13.31
CA ALA B 270 -28.05 1.54 12.71
C ALA B 270 -28.79 0.21 12.78
N THR B 271 -30.10 0.24 12.96
CA THR B 271 -30.92 -0.97 13.04
C THR B 271 -32.25 -0.64 12.42
N TYR B 272 -32.87 -1.59 11.73
CA TYR B 272 -34.20 -1.43 11.17
C TYR B 272 -35.11 -2.52 11.72
N ALA B 273 -36.42 -2.34 11.79
CA ALA B 273 -37.28 -3.35 12.40
C ALA B 273 -37.95 -4.30 11.40
N PRO B 274 -38.91 -3.84 10.56
CA PRO B 274 -39.62 -4.74 9.68
C PRO B 274 -38.75 -5.10 8.49
N VAL B 275 -37.73 -5.91 8.75
CA VAL B 275 -36.84 -6.47 7.73
C VAL B 275 -37.39 -7.79 7.23
N ILE B 276 -38.70 -7.92 7.13
CA ILE B 276 -39.33 -9.14 6.67
C ILE B 276 -39.20 -9.26 5.14
N SER B 277 -39.22 -10.49 4.63
CA SER B 277 -39.20 -10.84 3.20
C SER B 277 -40.50 -10.60 2.48
N ALA B 278 -40.44 -9.93 1.32
CA ALA B 278 -41.63 -9.68 0.50
C ALA B 278 -42.11 -10.84 -0.37
N GLU B 279 -42.04 -12.04 0.14
CA GLU B 279 -42.37 -13.23 -0.65
C GLU B 279 -42.68 -14.41 0.27
N LYS B 280 -41.70 -14.74 1.11
CA LYS B 280 -41.73 -15.87 2.04
C LYS B 280 -42.89 -15.71 3.04
N ALA B 281 -42.52 -15.47 4.29
CA ALA B 281 -43.44 -15.35 5.38
C ALA B 281 -44.29 -14.12 5.17
N TYR B 282 -45.42 -14.08 5.86
CA TYR B 282 -46.25 -12.90 5.88
C TYR B 282 -47.12 -12.84 7.11
N HIS B 283 -46.51 -12.21 8.11
CA HIS B 283 -47.19 -11.74 9.31
C HIS B 283 -47.23 -10.20 9.33
N GLU B 284 -46.59 -9.53 8.34
CA GLU B 284 -46.47 -8.08 8.10
C GLU B 284 -47.07 -7.17 9.18
N GLN B 285 -48.40 -7.18 9.34
CA GLN B 285 -49.16 -6.68 10.48
C GLN B 285 -48.58 -7.12 11.82
N LEU B 286 -47.55 -6.39 12.21
CA LEU B 286 -46.73 -6.69 13.35
C LEU B 286 -46.71 -5.43 14.20
N SER B 287 -47.87 -5.12 14.80
CA SER B 287 -48.04 -3.92 15.64
C SER B 287 -46.77 -3.52 16.37
N VAL B 288 -46.66 -2.23 16.65
CA VAL B 288 -45.49 -1.60 17.29
C VAL B 288 -44.79 -2.46 18.33
N ALA B 289 -45.57 -2.93 19.31
CA ALA B 289 -45.15 -3.81 20.40
C ALA B 289 -44.19 -4.94 19.96
N GLU B 290 -44.25 -5.35 18.71
CA GLU B 290 -43.38 -6.35 18.09
C GLU B 290 -42.16 -5.75 17.40
N ILE B 291 -42.35 -4.84 16.43
CA ILE B 291 -41.26 -4.24 15.64
C ILE B 291 -40.22 -3.56 16.53
N THR B 292 -40.60 -3.07 17.71
CA THR B 292 -39.66 -2.42 18.62
C THR B 292 -38.80 -3.45 19.35
N ASN B 293 -39.42 -4.57 19.74
CA ASN B 293 -38.68 -5.65 20.37
C ASN B 293 -37.70 -6.29 19.39
N ALA B 294 -38.04 -6.29 18.10
CA ALA B 294 -37.20 -6.81 17.02
C ALA B 294 -35.98 -5.94 16.71
N CYS B 295 -35.82 -4.80 17.37
CA CYS B 295 -34.64 -3.98 17.21
C CYS B 295 -33.50 -4.38 18.14
N PHE B 296 -33.82 -4.75 19.39
CA PHE B 296 -32.79 -5.05 20.40
C PHE B 296 -32.30 -6.49 20.34
N GLU B 297 -33.03 -7.40 19.69
CA GLU B 297 -32.42 -8.69 19.38
C GLU B 297 -31.19 -8.45 18.49
N PRO B 298 -30.02 -8.97 18.87
CA PRO B 298 -28.77 -8.68 18.16
C PRO B 298 -28.74 -9.15 16.70
N ALA B 299 -29.62 -10.06 16.30
CA ALA B 299 -29.65 -10.57 14.93
C ALA B 299 -30.38 -9.68 13.93
N ASN B 300 -30.28 -8.35 14.08
CA ASN B 300 -31.08 -7.45 13.26
C ASN B 300 -30.54 -6.02 13.18
N GLN B 301 -29.24 -5.82 13.36
CA GLN B 301 -28.69 -4.49 13.68
C GLN B 301 -27.61 -3.99 12.74
N MET B 302 -27.46 -4.59 11.55
CA MET B 302 -26.53 -4.09 10.54
C MET B 302 -25.13 -3.83 11.11
N VAL B 303 -24.73 -4.61 12.11
CA VAL B 303 -23.48 -4.45 12.85
C VAL B 303 -23.11 -5.71 13.61
N LYS B 304 -21.89 -6.23 13.42
CA LYS B 304 -21.37 -7.41 14.15
C LYS B 304 -20.86 -7.00 15.53
N CYS B 305 -21.65 -6.19 16.20
CA CYS B 305 -21.36 -5.69 17.52
C CYS B 305 -22.43 -6.18 18.48
N ASP B 306 -22.93 -7.41 18.23
CA ASP B 306 -23.90 -8.11 19.08
C ASP B 306 -23.73 -7.61 20.51
N PRO B 307 -24.76 -7.09 21.22
CA PRO B 307 -24.68 -6.51 22.57
C PRO B 307 -24.18 -7.53 23.61
N ARG B 308 -22.94 -7.97 23.41
CA ARG B 308 -22.17 -9.01 24.10
C ARG B 308 -21.94 -8.59 25.55
N HIS B 309 -22.10 -7.30 25.82
CA HIS B 309 -22.00 -6.66 27.11
C HIS B 309 -22.31 -5.17 27.02
N GLY B 310 -22.10 -4.61 25.82
CA GLY B 310 -22.22 -3.19 25.56
C GLY B 310 -23.55 -2.63 26.00
N LYS B 311 -23.51 -1.84 27.05
CA LYS B 311 -24.67 -1.16 27.58
C LYS B 311 -25.03 -0.07 26.60
N TYR B 312 -26.29 -0.05 26.18
CA TYR B 312 -26.78 1.13 25.46
C TYR B 312 -26.63 2.34 26.38
N MET B 313 -26.46 3.51 25.78
CA MET B 313 -26.30 4.77 26.51
C MET B 313 -27.18 5.88 25.98
N ALA B 314 -27.88 5.60 24.88
CA ALA B 314 -28.78 6.52 24.22
C ALA B 314 -29.21 5.88 22.92
N CYS B 315 -30.52 5.85 22.71
CA CYS B 315 -31.12 5.29 21.52
C CYS B 315 -32.10 6.30 20.94
N CYS B 316 -32.11 6.47 19.63
CA CYS B 316 -33.05 7.38 18.97
C CYS B 316 -33.99 6.55 18.10
N LEU B 317 -35.01 6.04 18.75
CA LEU B 317 -35.99 5.26 18.03
C LEU B 317 -36.80 6.13 17.09
N LEU B 318 -36.42 6.08 15.81
CA LEU B 318 -37.19 6.68 14.75
C LEU B 318 -38.23 5.68 14.24
N TYR B 319 -39.48 6.03 14.44
CA TYR B 319 -40.64 5.34 13.92
C TYR B 319 -41.14 6.13 12.73
N ARG B 320 -41.86 5.42 11.88
CA ARG B 320 -42.52 5.98 10.70
C ARG B 320 -43.73 5.14 10.39
N GLY B 321 -44.77 5.71 9.82
CA GLY B 321 -46.02 5.01 9.54
C GLY B 321 -47.06 5.25 10.62
N ASP B 322 -48.03 4.34 10.68
CA ASP B 322 -49.13 4.42 11.65
C ASP B 322 -48.70 3.94 13.04
N VAL B 323 -48.40 4.91 13.91
CA VAL B 323 -47.90 4.64 15.26
C VAL B 323 -48.57 5.57 16.26
N VAL B 324 -49.24 4.99 17.25
CA VAL B 324 -49.83 5.75 18.35
C VAL B 324 -48.72 6.09 19.35
N PRO B 325 -48.54 7.35 19.75
CA PRO B 325 -47.54 7.74 20.74
C PRO B 325 -47.63 7.01 22.08
N LYS B 326 -48.81 6.53 22.49
CA LYS B 326 -48.97 5.66 23.66
C LYS B 326 -48.42 4.25 23.42
N ASP B 327 -48.68 3.66 22.25
CA ASP B 327 -48.09 2.39 21.82
C ASP B 327 -46.59 2.42 21.98
N VAL B 328 -45.96 3.55 21.70
CA VAL B 328 -44.52 3.76 21.85
C VAL B 328 -44.12 4.03 23.29
N ASN B 329 -44.79 4.99 23.94
CA ASN B 329 -44.68 5.35 25.36
C ASN B 329 -45.31 4.26 26.27
N ALA B 330 -45.01 3.01 25.93
CA ALA B 330 -45.50 1.78 26.53
C ALA B 330 -44.70 0.59 26.00
N ALA B 331 -44.55 0.51 24.67
CA ALA B 331 -43.66 -0.45 24.03
C ALA B 331 -42.23 -0.17 24.40
N ILE B 332 -41.83 1.07 24.69
CA ILE B 332 -40.53 1.41 25.25
C ILE B 332 -40.49 1.21 26.76
N ALA B 333 -41.58 1.51 27.46
CA ALA B 333 -41.68 1.32 28.90
C ALA B 333 -41.44 -0.14 29.29
N THR B 334 -42.05 -1.07 28.54
CA THR B 334 -41.84 -2.51 28.70
C THR B 334 -40.35 -2.85 28.60
N ILE B 335 -39.65 -2.20 27.66
CA ILE B 335 -38.24 -2.43 27.37
C ILE B 335 -37.36 -1.86 28.45
N LYS B 336 -37.66 -0.65 28.91
CA LYS B 336 -36.93 -0.01 30.02
C LYS B 336 -36.88 -0.89 31.27
N THR B 337 -37.78 -1.86 31.38
CA THR B 337 -37.90 -2.80 32.49
C THR B 337 -37.63 -4.25 32.11
N LYS B 338 -36.92 -4.50 31.01
CA LYS B 338 -36.47 -5.84 30.64
C LYS B 338 -35.19 -6.23 31.35
N ARG B 339 -34.41 -5.23 31.81
CA ARG B 339 -33.13 -5.27 32.53
C ARG B 339 -31.97 -6.05 31.92
N THR B 340 -32.25 -7.13 31.20
CA THR B 340 -31.31 -7.86 30.35
C THR B 340 -30.86 -7.01 29.14
N ILE B 341 -31.48 -5.84 28.97
CA ILE B 341 -31.11 -4.78 28.03
C ILE B 341 -30.21 -3.70 28.68
N GLN B 342 -29.84 -3.87 29.95
CA GLN B 342 -29.05 -2.96 30.78
C GLN B 342 -28.50 -1.70 30.07
N PHE B 343 -29.15 -0.57 30.34
CA PHE B 343 -28.66 0.74 29.94
C PHE B 343 -27.54 1.16 30.87
N VAL B 344 -26.77 2.17 30.46
CA VAL B 344 -25.76 2.77 31.35
C VAL B 344 -26.35 3.28 32.65
N ASP B 345 -25.48 3.39 33.67
CA ASP B 345 -25.79 3.90 35.00
C ASP B 345 -26.14 5.39 35.01
N TRP B 346 -25.19 6.22 34.58
CA TRP B 346 -25.30 7.69 34.51
C TRP B 346 -26.40 8.18 33.56
N CYS B 347 -27.11 7.25 32.91
CA CYS B 347 -28.22 7.54 32.02
C CYS B 347 -29.54 7.02 32.61
N PRO B 348 -30.39 7.91 33.15
CA PRO B 348 -31.72 7.57 33.64
C PRO B 348 -32.58 7.04 32.49
N THR B 349 -32.85 7.93 31.53
CA THR B 349 -33.65 7.70 30.35
C THR B 349 -32.82 8.11 29.14
N GLY B 350 -32.64 7.18 28.21
CA GLY B 350 -31.88 7.41 26.97
C GLY B 350 -32.64 6.88 25.77
N PHE B 351 -33.85 7.42 25.58
CA PHE B 351 -34.79 6.99 24.55
C PHE B 351 -35.41 8.21 23.87
N LYS B 352 -34.80 8.63 22.76
CA LYS B 352 -35.33 9.66 21.89
C LYS B 352 -36.36 9.04 20.96
N VAL B 353 -37.64 9.22 21.27
CA VAL B 353 -38.73 8.76 20.41
C VAL B 353 -38.91 9.77 19.28
N GLY B 354 -38.62 9.37 18.06
CA GLY B 354 -38.92 10.15 16.86
C GLY B 354 -40.04 9.49 16.07
N ILE B 355 -41.15 10.19 15.90
CA ILE B 355 -42.31 9.70 15.17
C ILE B 355 -42.44 10.55 13.90
N ASN B 356 -42.51 9.83 12.79
CA ASN B 356 -42.88 10.34 11.47
C ASN B 356 -44.25 9.81 11.06
N TYR B 357 -44.83 10.38 10.01
CA TYR B 357 -46.15 9.98 9.51
C TYR B 357 -46.04 8.94 8.41
N GLU B 358 -45.56 9.36 7.23
CA GLU B 358 -45.50 8.53 6.04
C GLU B 358 -44.82 7.19 6.35
N PRO B 359 -45.51 6.06 6.10
CA PRO B 359 -44.92 4.75 6.28
C PRO B 359 -43.64 4.61 5.43
N PRO B 360 -42.85 3.55 5.63
CA PRO B 360 -41.70 3.30 4.77
C PRO B 360 -42.09 3.17 3.30
N THR B 361 -41.10 3.02 2.42
CA THR B 361 -41.37 2.91 0.99
C THR B 361 -40.39 1.96 0.34
N VAL B 362 -40.83 0.72 0.22
CA VAL B 362 -39.99 -0.33 -0.31
C VAL B 362 -39.84 -0.21 -1.83
N VAL B 363 -38.70 -0.67 -2.33
CA VAL B 363 -38.43 -0.88 -3.75
C VAL B 363 -39.57 -1.67 -4.40
N PRO B 364 -40.07 -1.27 -5.58
CA PRO B 364 -41.22 -1.88 -6.24
C PRO B 364 -41.22 -3.41 -6.26
N GLY B 365 -40.04 -4.01 -6.45
CA GLY B 365 -39.90 -5.46 -6.51
C GLY B 365 -38.51 -5.97 -6.15
N GLY B 366 -37.87 -5.36 -5.15
CA GLY B 366 -36.59 -5.88 -4.63
C GLY B 366 -36.82 -7.18 -3.88
N ASP B 367 -36.74 -7.12 -2.55
CA ASP B 367 -37.00 -8.27 -1.66
C ASP B 367 -37.50 -7.82 -0.27
N LEU B 368 -37.66 -6.51 -0.07
CA LEU B 368 -38.05 -5.93 1.21
C LEU B 368 -39.56 -6.11 1.35
N ALA B 369 -40.06 -6.54 2.50
CA ALA B 369 -41.48 -6.81 2.73
C ALA B 369 -42.45 -5.79 2.18
N LYS B 370 -42.38 -4.59 2.76
CA LYS B 370 -43.36 -3.50 2.67
C LYS B 370 -44.42 -3.58 3.75
N VAL B 371 -44.04 -3.06 4.90
CA VAL B 371 -44.94 -2.89 6.04
C VAL B 371 -45.57 -1.50 6.03
N GLN B 372 -46.46 -1.23 6.98
CA GLN B 372 -47.07 0.09 7.19
C GLN B 372 -46.56 0.82 8.43
N ARG B 373 -45.35 0.44 8.87
CA ARG B 373 -44.67 1.01 10.02
C ARG B 373 -43.30 0.39 10.13
N ALA B 374 -42.32 1.11 10.65
CA ALA B 374 -40.98 0.60 10.90
C ALA B 374 -40.29 1.33 12.03
N VAL B 375 -39.20 0.73 12.52
CA VAL B 375 -38.35 1.27 13.58
C VAL B 375 -36.91 1.21 13.14
N CYS B 376 -36.38 2.35 12.82
CA CYS B 376 -34.99 2.60 12.52
C CYS B 376 -34.28 3.15 13.75
N MET B 377 -34.04 2.25 14.70
CA MET B 377 -33.36 2.64 15.91
C MET B 377 -31.87 2.64 15.69
N LEU B 378 -31.25 3.67 16.21
CA LEU B 378 -29.82 3.81 16.22
C LEU B 378 -29.38 4.14 17.63
N SER B 379 -28.14 3.81 17.97
CA SER B 379 -27.72 4.00 19.34
C SER B 379 -26.23 3.90 19.55
N ASN B 380 -25.76 4.59 20.58
CA ASN B 380 -24.43 4.37 21.07
C ASN B 380 -24.49 3.24 22.09
N THR B 381 -23.64 2.24 21.89
CA THR B 381 -23.56 1.09 22.77
C THR B 381 -22.12 0.98 23.19
N THR B 382 -21.89 0.62 24.45
CA THR B 382 -20.55 0.23 24.94
C THR B 382 -20.04 -1.01 24.18
N ALA B 383 -20.89 -1.59 23.32
CA ALA B 383 -20.61 -2.81 22.60
C ALA B 383 -19.47 -2.60 21.64
N ILE B 384 -19.38 -1.43 20.99
CA ILE B 384 -18.31 -1.16 20.03
C ILE B 384 -16.93 -1.12 20.68
N ALA B 385 -16.88 -1.14 22.02
CA ALA B 385 -15.67 -1.49 22.74
C ALA B 385 -15.04 -2.76 22.16
N GLU B 386 -15.87 -3.73 21.75
CA GLU B 386 -15.49 -4.87 20.92
C GLU B 386 -15.01 -4.47 19.54
N ALA B 387 -15.95 -4.26 18.61
CA ALA B 387 -15.69 -3.95 17.21
C ALA B 387 -14.41 -3.12 17.00
N TRP B 388 -14.20 -2.07 17.80
CA TRP B 388 -12.95 -1.31 17.75
C TRP B 388 -11.73 -2.09 18.15
N ALA B 389 -11.80 -2.79 19.29
CA ALA B 389 -10.77 -3.71 19.76
C ALA B 389 -10.34 -4.70 18.67
N ARG B 390 -11.28 -5.49 18.16
CA ARG B 390 -11.04 -6.50 17.12
C ARG B 390 -10.47 -5.95 15.82
N LEU B 391 -10.71 -4.67 15.54
CA LEU B 391 -10.20 -3.99 14.37
C LEU B 391 -8.83 -3.33 14.61
N ASP B 392 -8.57 -2.97 15.85
CA ASP B 392 -7.31 -2.42 16.32
C ASP B 392 -6.26 -3.53 16.38
N HIS B 393 -6.61 -4.65 17.00
CA HIS B 393 -5.72 -5.81 17.11
C HIS B 393 -5.19 -6.27 15.75
N LYS B 394 -6.10 -6.33 14.76
CA LYS B 394 -5.78 -6.53 13.33
C LYS B 394 -4.56 -5.70 12.90
N PHE B 395 -4.73 -4.38 12.98
CA PHE B 395 -3.73 -3.38 12.64
C PHE B 395 -2.36 -3.72 13.19
N ASP B 396 -2.29 -3.94 14.51
CA ASP B 396 -1.04 -4.24 15.21
C ASP B 396 -0.34 -5.43 14.61
N LEU B 397 -1.02 -6.54 14.38
CA LEU B 397 -0.40 -7.73 13.78
C LEU B 397 0.40 -7.47 12.51
N MET B 398 -0.13 -6.63 11.61
CA MET B 398 0.61 -6.23 10.42
C MET B 398 1.62 -5.12 10.68
N TYR B 399 1.28 -4.08 11.45
CA TYR B 399 2.21 -2.99 11.79
C TYR B 399 3.42 -3.47 12.56
N ALA B 400 3.21 -4.52 13.34
CA ALA B 400 4.20 -5.29 14.07
C ALA B 400 5.27 -5.88 13.14
N LYS B 401 4.94 -6.02 11.86
CA LYS B 401 5.86 -6.45 10.80
C LYS B 401 6.01 -5.45 9.69
N ARG B 402 5.43 -4.26 9.84
CA ARG B 402 5.38 -3.21 8.83
C ARG B 402 4.57 -3.60 7.61
N ALA B 403 4.23 -4.87 7.37
CA ALA B 403 3.52 -5.36 6.20
C ALA B 403 3.58 -4.42 4.97
N PHE B 404 2.43 -3.87 4.58
CA PHE B 404 2.26 -2.92 3.49
C PHE B 404 2.59 -1.46 3.88
N VAL B 405 3.54 -1.24 4.79
CA VAL B 405 3.87 0.10 5.27
C VAL B 405 4.54 0.87 4.15
N HIS B 406 5.50 0.26 3.43
CA HIS B 406 6.24 0.96 2.36
C HIS B 406 5.30 1.54 1.29
N TRP B 407 4.06 1.09 1.24
CA TRP B 407 3.03 1.63 0.38
C TRP B 407 2.46 2.96 0.80
N TYR B 408 2.55 3.32 2.07
CA TYR B 408 2.07 4.61 2.56
C TYR B 408 3.19 5.60 2.77
N VAL B 409 4.33 5.12 3.28
CA VAL B 409 5.50 5.97 3.49
C VAL B 409 5.94 6.64 2.21
N GLY B 410 6.01 5.84 1.14
CA GLY B 410 6.27 6.30 -0.22
C GLY B 410 5.15 7.19 -0.80
N GLU B 411 4.16 7.53 0.01
CA GLU B 411 2.98 8.32 -0.33
C GLU B 411 2.79 9.49 0.64
N GLY B 412 3.86 9.94 1.28
CA GLY B 412 3.82 11.11 2.15
C GLY B 412 3.09 10.86 3.45
N MET B 413 3.57 9.88 4.18
CA MET B 413 3.21 9.51 5.53
C MET B 413 4.49 9.08 6.24
N GLU B 414 4.38 8.63 7.47
CA GLU B 414 5.55 8.42 8.29
C GLU B 414 5.28 7.32 9.31
N GLU B 415 6.32 6.85 10.00
CA GLU B 415 6.12 6.03 11.21
C GLU B 415 5.23 6.72 12.24
N GLY B 416 5.21 8.06 12.20
CA GLY B 416 4.41 8.92 13.03
C GLY B 416 2.93 8.63 12.82
N GLU B 417 2.37 8.98 11.66
CA GLU B 417 0.92 8.87 11.46
C GLU B 417 0.33 7.49 11.75
N PHE B 418 1.06 6.40 11.52
CA PHE B 418 0.60 5.08 11.96
C PHE B 418 0.63 4.95 13.48
N SER B 419 1.84 4.86 14.04
CA SER B 419 2.01 4.70 15.47
C SER B 419 1.24 5.73 16.32
N GLU B 420 1.05 6.94 15.81
CA GLU B 420 0.43 8.04 16.52
C GLU B 420 -1.09 8.11 16.29
N ALA B 421 -1.60 7.30 15.34
CA ALA B 421 -3.04 7.05 15.14
C ALA B 421 -3.47 5.73 15.78
N ARG B 422 -2.48 4.91 16.14
CA ARG B 422 -2.68 3.70 16.91
C ARG B 422 -2.91 4.07 18.36
N GLU B 423 -1.99 4.86 18.92
CA GLU B 423 -2.16 5.47 20.24
C GLU B 423 -3.49 6.21 20.34
N ASP B 424 -3.94 6.83 19.25
CA ASP B 424 -5.23 7.53 19.18
C ASP B 424 -6.38 6.61 19.56
N MET B 425 -6.59 5.57 18.74
CA MET B 425 -7.65 4.61 18.98
C MET B 425 -7.45 3.83 20.28
N ALA B 426 -6.22 3.71 20.78
CA ALA B 426 -6.00 3.13 22.10
C ALA B 426 -6.86 3.84 23.15
N ALA B 427 -6.86 5.18 23.18
CA ALA B 427 -7.74 5.96 24.05
C ALA B 427 -9.20 6.04 23.56
N LEU B 428 -9.58 5.21 22.59
CA LEU B 428 -10.94 4.97 22.15
C LEU B 428 -11.46 3.60 22.61
N GLU B 429 -10.52 2.70 22.92
CA GLU B 429 -10.76 1.43 23.61
C GLU B 429 -10.93 1.70 25.11
N LYS B 430 -10.21 2.69 25.64
CA LYS B 430 -10.36 3.12 27.04
C LYS B 430 -11.56 4.02 27.22
N ASP B 431 -11.84 4.89 26.25
CA ASP B 431 -13.01 5.79 26.32
C ASP B 431 -14.31 4.99 26.35
N TYR B 432 -14.49 4.10 25.36
CA TYR B 432 -15.67 3.24 25.30
C TYR B 432 -15.74 2.18 26.38
N GLU B 433 -14.67 2.06 27.15
CA GLU B 433 -14.63 1.25 28.35
C GLU B 433 -15.04 2.06 29.59
N GLU B 434 -14.51 3.26 29.78
CA GLU B 434 -14.72 4.10 30.98
C GLU B 434 -16.12 4.71 31.03
N VAL B 435 -16.65 5.16 29.88
CA VAL B 435 -18.02 5.68 29.79
C VAL B 435 -19.08 4.61 30.09
N GLY B 436 -18.67 3.37 30.25
CA GLY B 436 -19.54 2.29 30.67
C GLY B 436 -18.76 1.32 31.54
N VAL B 437 -19.35 0.14 31.78
CA VAL B 437 -18.75 -0.91 32.63
C VAL B 437 -18.54 -0.51 34.11
N ASP B 438 -18.70 0.76 34.45
CA ASP B 438 -18.37 1.40 35.72
C ASP B 438 -19.49 2.37 36.16
N SER B 439 -19.64 2.56 37.47
CA SER B 439 -20.79 3.29 38.09
C SER B 439 -20.49 4.45 39.06
N ARG C 2 -7.14 5.48 -17.63
CA ARG C 2 -5.84 4.83 -17.29
C ARG C 2 -5.33 4.10 -18.52
N GLU C 3 -4.07 3.63 -18.50
CA GLU C 3 -3.44 3.02 -19.67
C GLU C 3 -2.25 2.12 -19.39
N ILE C 4 -1.85 1.28 -20.34
CA ILE C 4 -0.66 0.44 -20.24
C ILE C 4 -0.02 0.29 -21.61
N VAL C 5 1.24 -0.14 -21.67
CA VAL C 5 1.90 -0.39 -22.96
C VAL C 5 2.70 -1.69 -22.90
N HIS C 6 2.11 -2.73 -23.47
CA HIS C 6 2.74 -4.05 -23.50
C HIS C 6 4.15 -4.03 -24.14
N ILE C 7 4.94 -5.07 -23.89
CA ILE C 7 6.32 -5.20 -24.36
C ILE C 7 6.60 -6.69 -24.62
N GLN C 8 6.78 -7.01 -25.90
CA GLN C 8 7.11 -8.32 -26.44
C GLN C 8 8.62 -8.56 -26.55
N ALA C 9 9.34 -8.62 -25.43
CA ALA C 9 10.77 -8.86 -25.49
C ALA C 9 11.12 -10.31 -25.90
N GLY C 10 12.09 -10.44 -26.80
CA GLY C 10 12.55 -11.74 -27.29
C GLY C 10 11.58 -12.49 -28.14
N GLN C 11 11.90 -13.73 -28.50
CA GLN C 11 11.01 -14.49 -29.36
C GLN C 11 9.84 -14.97 -28.54
N CYS C 12 10.08 -15.66 -27.42
CA CYS C 12 9.00 -16.20 -26.61
C CYS C 12 7.99 -15.13 -26.21
N GLY C 13 8.48 -14.08 -25.54
CA GLY C 13 7.67 -12.91 -25.21
C GLY C 13 6.95 -12.33 -26.43
N ASN C 14 7.54 -12.52 -27.61
CA ASN C 14 6.89 -12.20 -28.87
C ASN C 14 5.80 -13.16 -29.33
N GLN C 15 6.12 -14.44 -29.44
CA GLN C 15 5.22 -15.53 -29.79
C GLN C 15 3.98 -15.44 -28.91
N ILE C 16 4.18 -15.22 -27.60
CA ILE C 16 3.12 -14.99 -26.64
C ILE C 16 2.39 -13.71 -26.93
N GLY C 17 3.07 -12.65 -27.32
CA GLY C 17 2.43 -11.42 -27.73
C GLY C 17 1.36 -11.69 -28.77
N ALA C 18 1.65 -12.47 -29.82
CA ALA C 18 0.64 -12.88 -30.78
C ALA C 18 -0.57 -13.57 -30.14
N LYS C 19 -0.38 -14.34 -29.06
CA LYS C 19 -1.48 -15.03 -28.34
C LYS C 19 -2.20 -14.14 -27.33
N PHE C 20 -1.46 -13.26 -26.65
CA PHE C 20 -2.02 -12.27 -25.75
C PHE C 20 -2.91 -11.30 -26.51
N TRP C 21 -2.47 -10.88 -27.68
CA TRP C 21 -3.24 -9.99 -28.54
C TRP C 21 -4.27 -10.70 -29.39
N GLU C 22 -4.04 -11.98 -29.72
CA GLU C 22 -5.06 -12.83 -30.34
C GLU C 22 -6.30 -12.84 -29.48
N VAL C 23 -6.10 -13.10 -28.18
CA VAL C 23 -7.15 -13.15 -27.17
C VAL C 23 -7.76 -11.78 -26.95
N ILE C 24 -7.04 -10.91 -26.23
CA ILE C 24 -7.49 -9.59 -25.79
C ILE C 24 -8.35 -8.90 -26.82
N SER C 25 -7.97 -8.98 -28.10
CA SER C 25 -8.67 -8.32 -29.19
C SER C 25 -10.10 -8.84 -29.32
N ASP C 26 -10.33 -10.15 -29.33
CA ASP C 26 -11.64 -10.79 -29.25
C ASP C 26 -12.39 -10.44 -27.96
N GLU C 27 -11.65 -10.27 -26.86
CA GLU C 27 -12.14 -9.74 -25.58
C GLU C 27 -12.42 -8.22 -25.63
N HIS C 28 -12.34 -7.65 -26.83
CA HIS C 28 -12.47 -6.24 -27.14
C HIS C 28 -13.00 -6.03 -28.55
N GLY C 29 -13.55 -7.07 -29.19
CA GLY C 29 -14.05 -7.06 -30.57
C GLY C 29 -13.17 -6.38 -31.61
N ILE C 30 -11.84 -6.46 -31.55
CA ILE C 30 -10.92 -5.86 -32.51
C ILE C 30 -10.45 -6.90 -33.54
N ASP C 31 -11.02 -6.83 -34.73
CA ASP C 31 -10.57 -7.66 -35.85
C ASP C 31 -9.19 -7.21 -36.34
N PRO C 32 -8.42 -8.05 -37.08
CA PRO C 32 -7.08 -7.77 -37.59
C PRO C 32 -6.71 -6.29 -37.73
N THR C 33 -7.14 -5.61 -38.79
CA THR C 33 -7.06 -4.14 -38.85
C THR C 33 -8.42 -3.48 -38.56
N GLY C 34 -9.49 -4.27 -38.60
CA GLY C 34 -10.84 -3.83 -38.27
C GLY C 34 -10.96 -3.14 -36.91
N SER C 35 -12.17 -2.66 -36.62
CA SER C 35 -12.45 -1.86 -35.43
C SER C 35 -13.10 -2.69 -34.36
N TYR C 36 -13.93 -2.03 -33.57
CA TYR C 36 -14.75 -2.61 -32.55
C TYR C 36 -16.05 -3.18 -33.14
N HIS C 37 -16.03 -4.48 -33.45
CA HIS C 37 -17.23 -5.26 -33.74
C HIS C 37 -17.98 -5.70 -32.50
N GLY C 38 -17.36 -5.46 -31.34
CA GLY C 38 -17.82 -5.81 -30.00
C GLY C 38 -19.27 -6.20 -29.94
N ASP C 39 -19.51 -7.43 -29.50
CA ASP C 39 -20.86 -7.95 -29.34
C ASP C 39 -21.71 -7.07 -28.40
N SER C 40 -21.02 -6.40 -27.47
CA SER C 40 -21.57 -5.41 -26.56
C SER C 40 -21.10 -3.99 -26.88
N ASP C 41 -21.19 -3.12 -25.87
CA ASP C 41 -20.86 -1.71 -25.92
C ASP C 41 -19.86 -1.35 -24.79
N LEU C 42 -19.71 -2.27 -23.83
CA LEU C 42 -18.84 -2.11 -22.67
C LEU C 42 -17.38 -2.46 -22.98
N GLN C 43 -17.15 -3.33 -23.95
CA GLN C 43 -15.79 -3.71 -24.39
C GLN C 43 -15.07 -2.56 -25.13
N LEU C 44 -15.50 -1.30 -24.92
CA LEU C 44 -15.03 -0.14 -25.64
C LEU C 44 -14.83 1.10 -24.77
N GLU C 45 -15.57 1.26 -23.69
CA GLU C 45 -15.43 2.46 -22.84
C GLU C 45 -14.07 2.52 -22.12
N ARG C 46 -13.33 1.40 -22.13
CA ARG C 46 -12.06 1.26 -21.45
C ARG C 46 -10.93 0.71 -22.31
N ILE C 47 -11.14 0.44 -23.61
CA ILE C 47 -10.11 -0.14 -24.48
C ILE C 47 -8.79 0.60 -24.42
N ASN C 48 -8.84 1.94 -24.33
CA ASN C 48 -7.71 2.87 -24.39
C ASN C 48 -6.50 2.32 -23.68
N VAL C 49 -6.71 1.62 -22.56
CA VAL C 49 -5.71 0.82 -21.87
C VAL C 49 -4.68 0.09 -22.72
N TYR C 50 -5.06 -0.40 -23.90
CA TYR C 50 -4.19 -1.12 -24.81
C TYR C 50 -4.12 -0.59 -26.25
N TYR C 51 -4.84 0.46 -26.62
CA TYR C 51 -4.91 0.90 -28.01
C TYR C 51 -4.74 2.40 -28.18
N ASN C 52 -4.83 2.87 -29.43
CA ASN C 52 -4.77 4.28 -29.79
C ASN C 52 -5.74 4.62 -30.92
N GLU C 53 -6.28 5.84 -30.86
CA GLU C 53 -7.19 6.37 -31.87
C GLU C 53 -6.42 7.10 -32.97
N ALA C 54 -6.55 6.62 -34.21
CA ALA C 54 -5.97 7.27 -35.38
C ALA C 54 -7.00 7.45 -36.49
N ALA C 55 -7.35 6.35 -37.16
CA ALA C 55 -8.37 6.38 -38.21
C ALA C 55 -9.76 6.63 -37.62
N GLY C 56 -10.34 5.57 -37.10
CA GLY C 56 -11.72 5.51 -36.58
C GLY C 56 -12.32 4.11 -36.64
N ASN C 57 -11.53 3.21 -37.22
CA ASN C 57 -11.74 1.77 -37.25
C ASN C 57 -10.45 1.04 -36.83
N LYS C 58 -9.34 1.76 -36.69
CA LYS C 58 -8.00 1.18 -36.51
C LYS C 58 -7.50 1.54 -35.13
N TYR C 59 -7.99 0.83 -34.13
CA TYR C 59 -7.43 0.89 -32.80
C TYR C 59 -6.23 -0.01 -32.80
N VAL C 60 -5.02 0.57 -32.79
CA VAL C 60 -3.79 -0.22 -32.84
C VAL C 60 -3.31 -0.60 -31.44
N PRO C 61 -3.01 -1.87 -31.16
CA PRO C 61 -2.32 -2.32 -29.95
C PRO C 61 -1.08 -1.49 -29.68
N ARG C 62 -0.98 -1.00 -28.46
CA ARG C 62 0.11 -0.13 -27.98
C ARG C 62 1.16 -0.95 -27.25
N ALA C 63 1.79 -1.82 -28.02
CA ALA C 63 2.86 -2.66 -27.51
C ALA C 63 4.19 -2.33 -28.16
N ILE C 64 5.23 -3.07 -27.75
CA ILE C 64 6.54 -2.98 -28.39
C ILE C 64 7.03 -4.35 -28.76
N LEU C 65 7.62 -4.53 -29.94
CA LEU C 65 8.12 -5.81 -30.39
C LEU C 65 9.62 -5.77 -30.51
N VAL C 66 10.29 -6.27 -29.48
CA VAL C 66 11.73 -6.13 -29.34
C VAL C 66 12.38 -7.47 -29.59
N ASP C 67 13.16 -7.58 -30.66
CA ASP C 67 13.80 -8.84 -31.01
C ASP C 67 15.02 -8.67 -31.92
N LEU C 68 16.11 -9.41 -31.70
CA LEU C 68 17.33 -9.38 -32.51
C LEU C 68 17.28 -10.40 -33.68
N GLU C 69 16.21 -11.19 -33.75
CA GLU C 69 16.04 -12.27 -34.72
C GLU C 69 14.92 -11.84 -35.68
N PRO C 70 15.21 -11.46 -36.93
CA PRO C 70 14.17 -11.00 -37.84
C PRO C 70 13.05 -12.03 -38.02
N GLY C 71 13.39 -13.25 -38.47
CA GLY C 71 12.49 -14.36 -38.75
C GLY C 71 11.33 -14.55 -37.76
N THR C 72 11.57 -14.30 -36.47
CA THR C 72 10.52 -14.26 -35.44
C THR C 72 9.47 -13.18 -35.68
N MET C 73 9.79 -11.90 -35.49
CA MET C 73 8.81 -10.85 -35.71
C MET C 73 8.28 -10.88 -37.14
N ASP C 74 9.03 -11.47 -38.08
CA ASP C 74 8.68 -11.74 -39.48
C ASP C 74 7.78 -12.98 -39.68
N SER C 75 7.37 -13.63 -38.59
CA SER C 75 6.42 -14.75 -38.51
C SER C 75 5.15 -14.31 -37.79
N VAL C 76 5.34 -13.43 -36.80
CA VAL C 76 4.26 -12.77 -36.07
C VAL C 76 3.61 -11.71 -36.93
N ARG C 77 4.39 -11.01 -37.77
CA ARG C 77 3.87 -9.96 -38.66
C ARG C 77 3.32 -10.51 -39.99
N SER C 78 3.68 -11.75 -40.34
CA SER C 78 3.28 -12.39 -41.61
C SER C 78 2.16 -13.41 -41.46
N GLY C 79 1.58 -13.53 -40.26
CA GLY C 79 0.54 -14.51 -39.96
C GLY C 79 -0.84 -13.85 -39.76
N PRO C 80 -1.60 -14.27 -38.74
CA PRO C 80 -2.96 -13.80 -38.46
C PRO C 80 -3.07 -12.29 -38.14
N PHE C 81 -3.31 -11.94 -36.87
CA PHE C 81 -3.38 -10.56 -36.36
C PHE C 81 -2.07 -9.79 -36.54
N GLY C 82 -1.03 -10.41 -37.10
CA GLY C 82 0.27 -9.77 -37.34
C GLY C 82 0.25 -8.42 -38.04
N GLN C 83 -0.80 -8.12 -38.81
CA GLN C 83 -0.94 -6.86 -39.56
C GLN C 83 -1.75 -5.77 -38.83
N ILE C 84 -1.76 -5.76 -37.50
CA ILE C 84 -2.44 -4.72 -36.71
C ILE C 84 -1.45 -3.75 -36.07
N PHE C 85 -0.26 -4.24 -35.75
CA PHE C 85 0.79 -3.45 -35.13
C PHE C 85 1.23 -2.41 -36.15
N ARG C 86 1.27 -1.15 -35.74
CA ARG C 86 1.93 -0.15 -36.59
C ARG C 86 3.39 -0.56 -36.75
N PRO C 87 3.96 -0.50 -37.97
CA PRO C 87 5.34 -0.93 -38.21
C PRO C 87 6.38 -0.29 -37.29
N ASP C 88 6.06 0.91 -36.80
CA ASP C 88 6.83 1.67 -35.83
C ASP C 88 7.09 0.89 -34.53
N ASN C 89 6.18 -0.04 -34.18
CA ASN C 89 6.30 -0.92 -33.02
C ASN C 89 7.42 -1.96 -33.13
N PHE C 90 7.71 -2.43 -34.35
CA PHE C 90 8.76 -3.42 -34.58
C PHE C 90 10.14 -2.82 -34.37
N VAL C 91 10.71 -3.03 -33.19
CA VAL C 91 12.09 -2.71 -32.90
C VAL C 91 12.95 -3.98 -33.02
N PHE C 92 13.26 -4.29 -34.28
CA PHE C 92 14.15 -5.38 -34.65
C PHE C 92 15.63 -5.10 -34.48
N GLY C 93 16.42 -6.16 -34.47
CA GLY C 93 17.88 -6.04 -34.41
C GLY C 93 18.45 -7.10 -35.30
N GLN C 94 18.49 -6.90 -36.61
CA GLN C 94 18.91 -7.93 -37.58
C GLN C 94 20.30 -8.56 -37.29
N SER C 95 21.01 -8.07 -36.29
CA SER C 95 22.22 -8.65 -35.72
C SER C 95 22.10 -10.15 -35.48
N GLY C 96 23.17 -10.77 -35.00
CA GLY C 96 23.04 -12.15 -34.57
C GLY C 96 22.37 -12.18 -33.21
N ALA C 97 21.12 -12.64 -33.11
CA ALA C 97 20.36 -12.76 -31.85
C ALA C 97 20.84 -13.86 -30.90
N GLY C 98 22.16 -14.07 -30.88
CA GLY C 98 22.82 -15.13 -30.13
C GLY C 98 22.15 -15.35 -28.79
N ASN C 99 22.14 -16.60 -28.38
CA ASN C 99 21.42 -17.06 -27.20
C ASN C 99 22.08 -16.62 -25.88
N ASN C 100 22.85 -15.55 -25.91
CA ASN C 100 23.59 -15.10 -24.78
C ASN C 100 22.88 -13.92 -24.14
N TRP C 101 22.68 -14.00 -22.83
CA TRP C 101 22.17 -12.88 -22.04
C TRP C 101 23.04 -11.64 -22.18
N ALA C 102 24.36 -11.85 -22.21
CA ALA C 102 25.32 -10.79 -22.41
C ALA C 102 25.29 -10.22 -23.83
N LYS C 103 24.97 -11.06 -24.81
CA LYS C 103 24.87 -10.61 -26.20
C LYS C 103 23.64 -9.76 -26.42
N GLY C 104 22.56 -9.92 -25.65
CA GLY C 104 21.38 -9.06 -25.77
C GLY C 104 21.29 -7.98 -24.71
N HIS C 105 22.23 -7.88 -23.78
CA HIS C 105 22.14 -6.89 -22.69
C HIS C 105 23.26 -5.86 -22.72
N TYR C 106 24.44 -6.26 -23.20
CA TYR C 106 25.62 -5.39 -23.17
C TYR C 106 26.12 -5.04 -24.55
N THR C 107 26.12 -6.02 -25.46
CA THR C 107 26.81 -5.83 -26.74
C THR C 107 25.87 -5.58 -27.88
N GLU C 108 24.95 -6.52 -28.15
CA GLU C 108 24.06 -6.39 -29.29
C GLU C 108 22.75 -5.74 -28.88
N GLY C 109 22.18 -6.09 -27.73
CA GLY C 109 20.93 -5.42 -27.37
C GLY C 109 21.14 -3.95 -27.00
N ALA C 110 22.26 -3.62 -26.33
CA ALA C 110 22.56 -2.26 -25.86
C ALA C 110 22.49 -1.18 -26.94
N GLU C 111 22.76 -1.53 -28.21
CA GLU C 111 22.62 -0.60 -29.34
C GLU C 111 21.16 -0.35 -29.70
N LEU C 112 20.39 -1.44 -29.81
CA LEU C 112 19.01 -1.39 -30.24
C LEU C 112 18.12 -0.72 -29.20
N VAL C 113 18.60 -0.57 -27.96
CA VAL C 113 17.82 -0.04 -26.85
C VAL C 113 17.35 1.38 -27.09
N ASP C 114 18.25 2.28 -27.49
CA ASP C 114 17.87 3.68 -27.66
C ASP C 114 16.78 3.86 -28.72
N SER C 115 16.83 3.04 -29.78
CA SER C 115 15.76 2.98 -30.79
C SER C 115 14.48 2.28 -30.31
N VAL C 116 14.49 1.72 -29.09
CA VAL C 116 13.33 1.16 -28.40
C VAL C 116 12.76 2.19 -27.47
N LEU C 117 13.56 2.67 -26.50
CA LEU C 117 13.20 3.74 -25.57
C LEU C 117 12.54 4.90 -26.30
N ASP C 118 13.01 5.21 -27.50
CA ASP C 118 12.40 6.21 -28.37
C ASP C 118 10.87 6.01 -28.53
N VAL C 119 10.49 4.78 -28.86
CA VAL C 119 9.11 4.37 -29.08
C VAL C 119 8.35 4.13 -27.80
N VAL C 120 8.98 3.55 -26.79
CA VAL C 120 8.36 3.36 -25.45
C VAL C 120 7.93 4.71 -24.87
N ARG C 121 8.57 5.80 -25.32
CA ARG C 121 8.22 7.18 -25.00
C ARG C 121 7.16 7.74 -25.93
N LYS C 122 7.21 7.41 -27.23
CA LYS C 122 6.14 7.78 -28.16
C LYS C 122 4.79 7.21 -27.71
N GLU C 123 4.80 5.99 -27.16
CA GLU C 123 3.61 5.30 -26.68
C GLU C 123 3.19 5.72 -25.28
N SER C 124 4.15 6.01 -24.39
CA SER C 124 3.84 6.48 -23.02
C SER C 124 3.26 7.89 -23.03
N GLU C 125 3.80 8.76 -23.88
CA GLU C 125 3.35 10.14 -24.10
C GLU C 125 2.16 10.19 -25.06
N SER C 126 1.51 9.04 -25.29
CA SER C 126 0.33 8.91 -26.13
C SER C 126 -0.73 9.94 -25.73
N CYS C 127 -1.49 9.63 -24.68
CA CYS C 127 -2.48 10.50 -24.08
C CYS C 127 -2.85 10.01 -22.68
N ASP C 128 -3.86 10.69 -22.12
CA ASP C 128 -4.44 10.45 -20.80
C ASP C 128 -3.36 10.24 -19.73
N CYS C 129 -3.58 9.29 -18.81
CA CYS C 129 -2.62 8.92 -17.79
C CYS C 129 -2.17 7.46 -17.98
N LEU C 130 -0.85 7.28 -17.98
CA LEU C 130 -0.21 5.97 -17.96
C LEU C 130 -0.35 5.33 -16.57
N GLN C 131 -0.62 4.03 -16.56
CA GLN C 131 -0.57 3.20 -15.36
C GLN C 131 0.77 2.49 -15.27
N GLY C 132 1.12 1.66 -16.25
CA GLY C 132 2.36 0.86 -16.25
C GLY C 132 2.64 0.22 -17.59
N PHE C 133 3.46 -0.82 -17.60
CA PHE C 133 3.85 -1.57 -18.81
C PHE C 133 3.78 -3.07 -18.55
N GLN C 134 3.22 -3.81 -19.49
CA GLN C 134 3.21 -5.27 -19.45
C GLN C 134 4.50 -5.74 -20.12
N LEU C 135 5.15 -6.76 -19.60
CA LEU C 135 6.38 -7.27 -20.19
C LEU C 135 6.30 -8.76 -20.32
N THR C 136 6.47 -9.28 -21.52
CA THR C 136 6.49 -10.72 -21.80
C THR C 136 7.85 -11.09 -22.33
N HIS C 137 8.34 -12.27 -21.95
CA HIS C 137 9.67 -12.78 -22.31
C HIS C 137 9.93 -14.11 -21.61
N SER C 138 11.04 -14.72 -22.01
CA SER C 138 11.59 -15.91 -21.40
C SER C 138 12.94 -15.62 -20.78
N LEU C 139 13.19 -16.22 -19.62
CA LEU C 139 14.41 -16.00 -18.87
C LEU C 139 15.51 -16.96 -19.33
N GLY C 140 15.37 -17.50 -20.53
CA GLY C 140 16.22 -18.57 -21.03
C GLY C 140 16.78 -18.23 -22.39
N GLY C 141 17.06 -16.96 -22.65
CA GLY C 141 17.62 -16.60 -23.94
C GLY C 141 18.23 -15.22 -24.10
N GLY C 142 18.76 -14.85 -25.26
CA GLY C 142 19.42 -13.54 -25.38
C GLY C 142 18.43 -12.39 -25.33
N THR C 143 17.67 -12.25 -26.40
CA THR C 143 16.65 -11.23 -26.55
C THR C 143 15.53 -11.20 -25.51
N GLY C 144 15.34 -12.30 -24.79
CA GLY C 144 14.35 -12.39 -23.73
C GLY C 144 14.90 -11.84 -22.42
N SER C 145 15.77 -12.63 -21.81
CA SER C 145 16.30 -12.30 -20.50
C SER C 145 17.30 -11.19 -20.56
N GLY C 146 18.20 -11.05 -21.52
CA GLY C 146 19.18 -9.94 -21.53
C GLY C 146 18.55 -8.63 -22.00
N MET C 147 18.15 -8.57 -23.27
CA MET C 147 17.64 -7.32 -23.82
C MET C 147 16.33 -6.89 -23.15
N GLY C 148 15.43 -7.81 -22.82
CA GLY C 148 14.15 -7.47 -22.21
C GLY C 148 14.27 -7.02 -20.76
N THR C 149 15.29 -7.53 -20.07
CA THR C 149 15.61 -7.06 -18.73
C THR C 149 16.31 -5.70 -18.75
N LEU C 150 16.88 -5.31 -19.89
CA LEU C 150 17.48 -4.01 -20.02
C LEU C 150 16.40 -2.98 -20.25
N LEU C 151 15.45 -3.34 -21.11
CA LEU C 151 14.34 -2.49 -21.50
C LEU C 151 13.65 -1.98 -20.25
N ILE C 152 13.43 -2.87 -19.28
CA ILE C 152 12.85 -2.47 -18.00
C ILE C 152 13.77 -1.66 -17.11
N SER C 153 15.05 -2.01 -16.98
CA SER C 153 16.00 -1.23 -16.17
C SER C 153 16.06 0.23 -16.66
N LYS C 154 15.75 0.47 -17.93
CA LYS C 154 15.57 1.79 -18.50
C LYS C 154 14.19 2.38 -18.31
N ILE C 155 13.14 1.58 -18.49
CA ILE C 155 11.77 2.01 -18.21
C ILE C 155 11.64 2.50 -16.76
N ARG C 156 12.13 1.73 -15.79
CA ARG C 156 12.09 2.05 -14.34
C ARG C 156 12.97 3.21 -13.90
N GLU C 157 13.69 3.82 -14.83
CA GLU C 157 14.46 5.04 -14.62
C GLU C 157 13.74 6.26 -15.21
N GLU C 158 12.90 6.01 -16.22
CA GLU C 158 12.13 7.00 -16.95
C GLU C 158 10.78 7.28 -16.29
N TYR C 159 10.21 6.31 -15.59
CA TYR C 159 8.91 6.45 -14.93
C TYR C 159 8.87 5.56 -13.69
N PRO C 160 9.69 5.84 -12.66
CA PRO C 160 9.63 5.11 -11.38
C PRO C 160 8.28 5.26 -10.62
N ASP C 161 7.29 5.88 -11.25
CA ASP C 161 5.90 6.04 -10.81
C ASP C 161 4.96 4.97 -11.37
N ARG C 162 4.96 4.84 -12.70
CA ARG C 162 4.15 3.85 -13.41
C ARG C 162 4.66 2.45 -13.06
N ILE C 163 3.73 1.52 -12.92
CA ILE C 163 4.00 0.14 -12.51
C ILE C 163 4.65 -0.66 -13.62
N MET C 164 5.09 -1.85 -13.26
CA MET C 164 5.76 -2.75 -14.16
C MET C 164 5.39 -4.18 -13.80
N ASN C 165 4.44 -4.71 -14.55
CA ASN C 165 4.11 -6.11 -14.54
C ASN C 165 5.08 -6.84 -15.48
N THR C 166 5.53 -8.00 -15.06
CA THR C 166 6.43 -8.84 -15.83
C THR C 166 5.82 -10.21 -15.92
N PHE C 167 5.71 -10.78 -17.09
CA PHE C 167 5.33 -12.15 -17.36
C PHE C 167 6.56 -12.92 -17.83
N SER C 168 7.22 -13.59 -16.89
CA SER C 168 8.43 -14.35 -17.17
C SER C 168 8.12 -15.82 -17.38
N VAL C 169 8.81 -16.43 -18.34
CA VAL C 169 8.73 -17.88 -18.58
C VAL C 169 9.94 -18.53 -17.94
N VAL C 170 9.97 -18.49 -16.60
CA VAL C 170 11.04 -19.11 -15.85
C VAL C 170 11.37 -20.49 -16.43
N PRO C 171 12.66 -20.81 -16.56
CA PRO C 171 13.12 -22.12 -16.99
C PRO C 171 12.45 -23.28 -16.29
N SER C 172 11.71 -24.05 -17.08
CA SER C 172 11.02 -25.24 -16.64
C SER C 172 12.04 -26.26 -16.06
N PRO C 173 11.76 -26.92 -14.92
CA PRO C 173 12.59 -27.97 -14.35
C PRO C 173 12.89 -29.13 -15.32
N LYS C 174 12.18 -30.27 -15.18
CA LYS C 174 12.39 -31.56 -15.87
C LYS C 174 13.35 -31.53 -17.06
N VAL C 175 13.03 -30.74 -18.08
CA VAL C 175 13.85 -30.52 -19.27
C VAL C 175 13.96 -29.02 -19.53
N SER C 176 15.18 -28.57 -19.81
CA SER C 176 15.48 -27.20 -20.23
C SER C 176 15.52 -27.14 -21.76
N ASP C 177 14.71 -26.26 -22.34
CA ASP C 177 14.63 -26.00 -23.79
C ASP C 177 15.83 -25.21 -24.35
N THR C 178 16.87 -25.06 -23.53
CA THR C 178 18.15 -24.44 -23.80
C THR C 178 19.19 -25.05 -22.84
N VAL C 179 20.47 -24.74 -23.05
CA VAL C 179 21.56 -25.33 -22.27
C VAL C 179 22.13 -24.40 -21.21
N VAL C 180 22.41 -23.17 -21.63
CA VAL C 180 22.92 -22.17 -20.69
C VAL C 180 21.82 -21.63 -19.81
N GLU C 181 20.54 -21.83 -20.15
CA GLU C 181 19.32 -21.51 -19.40
C GLU C 181 19.50 -20.84 -18.03
N PRO C 182 20.07 -21.49 -16.99
CA PRO C 182 20.33 -20.84 -15.69
C PRO C 182 21.19 -19.58 -15.75
N TYR C 183 22.09 -19.45 -16.73
CA TYR C 183 22.87 -18.27 -17.07
C TYR C 183 22.00 -17.14 -17.55
N ASN C 184 21.28 -17.36 -18.64
CA ASN C 184 20.32 -16.36 -19.10
C ASN C 184 19.28 -16.03 -18.03
N ALA C 185 18.94 -16.98 -17.16
CA ALA C 185 17.89 -16.83 -16.17
C ALA C 185 18.32 -16.10 -14.93
N THR C 186 19.29 -16.66 -14.21
CA THR C 186 19.85 -16.02 -13.03
C THR C 186 20.23 -14.57 -13.28
N LEU C 187 20.70 -14.27 -14.49
CA LEU C 187 21.02 -12.90 -14.85
C LEU C 187 19.81 -12.00 -15.09
N SER C 188 18.69 -12.53 -15.55
CA SER C 188 17.49 -11.69 -15.73
C SER C 188 16.67 -11.55 -14.47
N VAL C 189 16.44 -12.62 -13.71
CA VAL C 189 15.75 -12.54 -12.40
C VAL C 189 16.38 -11.48 -11.48
N HIS C 190 17.70 -11.34 -11.57
CA HIS C 190 18.50 -10.34 -10.92
C HIS C 190 18.01 -8.92 -11.21
N GLN C 191 17.87 -8.60 -12.50
CA GLN C 191 17.30 -7.35 -12.94
C GLN C 191 15.83 -7.18 -12.53
N LEU C 192 15.08 -8.29 -12.52
CA LEU C 192 13.64 -8.30 -12.25
C LEU C 192 13.36 -7.90 -10.82
N VAL C 193 14.01 -8.57 -9.86
CA VAL C 193 13.93 -8.31 -8.40
C VAL C 193 14.19 -6.85 -8.00
N GLU C 194 14.66 -6.05 -8.95
CA GLU C 194 15.15 -4.70 -8.71
C GLU C 194 14.62 -3.66 -9.68
N ASN C 195 13.58 -3.98 -10.46
CA ASN C 195 12.98 -3.01 -11.37
C ASN C 195 11.47 -3.25 -11.48
N THR C 196 10.98 -4.23 -12.24
CA THR C 196 9.53 -4.54 -12.22
C THR C 196 9.00 -4.64 -10.77
N ASP C 197 7.71 -4.42 -10.52
CA ASP C 197 7.13 -4.59 -9.17
C ASP C 197 5.96 -5.56 -9.06
N GLU C 198 5.70 -6.32 -10.13
CA GLU C 198 4.74 -7.43 -10.17
C GLU C 198 5.24 -8.43 -11.21
N THR C 199 5.59 -9.68 -10.84
CA THR C 199 6.05 -10.67 -11.84
C THR C 199 5.14 -11.88 -11.82
N TYR C 200 4.72 -12.43 -12.97
CA TYR C 200 3.89 -13.61 -13.11
C TYR C 200 4.65 -14.69 -13.89
N CYS C 201 5.28 -15.57 -13.13
CA CYS C 201 6.17 -16.62 -13.59
C CYS C 201 5.38 -17.84 -14.07
N ILE C 202 5.61 -18.23 -15.31
CA ILE C 202 4.91 -19.30 -15.99
C ILE C 202 5.92 -20.34 -16.46
N ASP C 203 5.53 -21.61 -16.43
CA ASP C 203 6.46 -22.69 -16.70
C ASP C 203 5.87 -23.58 -17.79
N ASN C 204 6.59 -23.68 -18.91
CA ASN C 204 6.14 -24.44 -20.08
C ASN C 204 5.70 -25.88 -19.73
N GLU C 205 6.26 -26.47 -18.68
CA GLU C 205 5.83 -27.79 -18.24
C GLU C 205 4.72 -27.81 -17.19
N ALA C 206 4.64 -26.78 -16.35
CA ALA C 206 3.52 -26.64 -15.44
C ALA C 206 2.25 -26.46 -16.26
N LEU C 207 2.40 -25.79 -17.40
CA LEU C 207 1.37 -25.65 -18.39
C LEU C 207 1.05 -26.96 -19.03
N TYR C 208 2.03 -27.68 -19.60
CA TYR C 208 1.79 -28.99 -20.21
C TYR C 208 0.96 -29.88 -19.30
N ASP C 209 1.40 -30.13 -18.06
CA ASP C 209 0.59 -30.80 -17.03
C ASP C 209 -0.85 -30.27 -16.96
N ILE C 210 -0.99 -28.98 -16.67
CA ILE C 210 -2.27 -28.30 -16.52
C ILE C 210 -3.05 -28.25 -17.85
N CYS C 211 -2.41 -28.60 -18.96
CA CYS C 211 -2.96 -28.53 -20.29
C CYS C 211 -3.18 -29.93 -20.87
N PHE C 212 -2.63 -30.99 -20.26
CA PHE C 212 -2.74 -32.37 -20.74
C PHE C 212 -3.56 -33.24 -19.79
N ARG C 213 -3.75 -32.78 -18.53
CA ARG C 213 -4.56 -33.47 -17.53
C ARG C 213 -5.79 -32.70 -17.06
N THR C 214 -5.74 -31.37 -17.14
CA THR C 214 -6.86 -30.49 -16.77
C THR C 214 -7.65 -30.02 -17.99
N LEU C 215 -7.08 -30.33 -19.15
CA LEU C 215 -7.63 -30.30 -20.48
C LEU C 215 -7.12 -31.64 -20.96
N LYS C 216 -7.99 -32.59 -21.29
CA LYS C 216 -7.55 -33.90 -21.82
C LYS C 216 -6.71 -33.79 -23.13
N LEU C 217 -6.45 -32.55 -23.58
CA LEU C 217 -5.67 -32.16 -24.73
C LEU C 217 -4.39 -32.99 -24.85
N THR C 218 -4.37 -33.81 -25.89
CA THR C 218 -3.28 -34.77 -26.10
C THR C 218 -2.09 -34.14 -26.86
N THR C 219 -2.34 -33.15 -27.71
CA THR C 219 -1.30 -32.48 -28.52
C THR C 219 -1.20 -30.99 -28.18
N PRO C 220 -0.77 -30.64 -26.95
CA PRO C 220 -0.66 -29.26 -26.51
C PRO C 220 0.47 -28.54 -27.25
N THR C 221 0.15 -27.98 -28.42
CA THR C 221 1.12 -27.18 -29.17
C THR C 221 1.55 -25.96 -28.33
N TYR C 222 2.63 -25.28 -28.72
CA TYR C 222 3.01 -24.03 -28.05
C TYR C 222 1.89 -22.99 -28.08
N GLY C 223 1.28 -22.81 -29.26
CA GLY C 223 0.15 -21.91 -29.45
C GLY C 223 -0.90 -22.03 -28.35
N ASP C 224 -1.09 -23.24 -27.83
CA ASP C 224 -1.97 -23.58 -26.73
C ASP C 224 -1.43 -23.11 -25.38
N LEU C 225 -0.24 -23.54 -24.96
CA LEU C 225 0.41 -23.00 -23.77
C LEU C 225 0.33 -21.49 -23.67
N ASN C 226 0.80 -20.84 -24.73
CA ASN C 226 0.75 -19.41 -24.86
C ASN C 226 -0.69 -18.90 -24.72
N HIS C 227 -1.65 -19.50 -25.43
CA HIS C 227 -3.09 -19.22 -25.32
C HIS C 227 -3.56 -19.25 -23.86
N LEU C 228 -3.24 -20.33 -23.13
CA LEU C 228 -3.63 -20.46 -21.72
C LEU C 228 -3.06 -19.29 -20.92
N VAL C 229 -1.78 -18.97 -21.14
CA VAL C 229 -1.08 -17.90 -20.39
C VAL C 229 -1.77 -16.57 -20.64
N SER C 230 -1.94 -16.27 -21.92
CA SER C 230 -2.61 -15.07 -22.39
C SER C 230 -4.03 -14.94 -21.84
N ALA C 231 -4.66 -16.06 -21.44
CA ALA C 231 -5.96 -16.10 -20.80
C ALA C 231 -5.93 -15.54 -19.36
N THR C 232 -4.80 -15.72 -18.68
CA THR C 232 -4.61 -15.20 -17.34
C THR C 232 -4.29 -13.72 -17.38
N MET C 233 -3.34 -13.31 -18.21
CA MET C 233 -2.91 -11.91 -18.27
C MET C 233 -4.03 -10.96 -18.73
N SER C 234 -5.09 -11.53 -19.34
CA SER C 234 -6.34 -10.84 -19.67
C SER C 234 -7.30 -10.76 -18.47
N GLY C 235 -7.31 -11.79 -17.64
CA GLY C 235 -8.08 -11.72 -16.41
C GLY C 235 -7.47 -10.78 -15.35
N VAL C 236 -6.16 -10.54 -15.41
CA VAL C 236 -5.41 -9.61 -14.55
C VAL C 236 -5.78 -8.16 -14.91
N THR C 237 -5.12 -7.64 -15.94
CA THR C 237 -5.16 -6.26 -16.41
C THR C 237 -6.52 -5.89 -16.97
N THR C 238 -6.67 -5.88 -18.31
CA THR C 238 -7.86 -5.58 -19.10
C THR C 238 -9.15 -5.84 -18.35
N CYS C 239 -9.27 -7.03 -17.74
CA CYS C 239 -10.40 -7.37 -16.90
C CYS C 239 -10.69 -6.30 -15.89
N LEU C 240 -9.81 -6.02 -14.94
CA LEU C 240 -10.08 -5.01 -13.94
C LEU C 240 -10.28 -3.59 -14.48
N ARG C 241 -10.01 -3.39 -15.77
CA ARG C 241 -10.41 -2.19 -16.50
C ARG C 241 -11.81 -2.36 -17.05
N PHE C 242 -12.60 -3.11 -16.30
CA PHE C 242 -14.03 -3.21 -16.45
C PHE C 242 -14.68 -2.81 -15.14
N PRO C 243 -16.00 -2.62 -15.19
CA PRO C 243 -16.75 -2.36 -14.00
C PRO C 243 -16.70 -3.57 -13.08
N GLY C 244 -17.26 -3.40 -11.90
CA GLY C 244 -17.33 -4.48 -10.94
C GLY C 244 -17.90 -3.95 -9.65
N GLN C 245 -18.52 -4.84 -8.88
CA GLN C 245 -19.04 -4.51 -7.56
C GLN C 245 -17.90 -4.08 -6.64
N LEU C 246 -16.77 -4.79 -6.78
CA LEU C 246 -15.51 -4.45 -6.20
C LEU C 246 -14.39 -4.61 -7.23
N ASN C 247 -14.07 -3.54 -7.94
CA ASN C 247 -12.95 -3.58 -8.84
C ASN C 247 -11.65 -3.08 -8.17
N ALA C 248 -10.58 -3.61 -8.73
CA ALA C 248 -9.22 -3.22 -8.48
C ALA C 248 -8.57 -2.78 -9.79
N ASP C 249 -7.26 -2.59 -9.77
CA ASP C 249 -6.46 -2.26 -10.92
C ASP C 249 -5.02 -2.51 -10.49
N LEU C 250 -4.11 -2.82 -11.44
CA LEU C 250 -2.68 -3.05 -11.23
C LEU C 250 -2.10 -2.52 -9.92
N ARG C 251 -2.31 -1.26 -9.55
CA ARG C 251 -1.95 -0.82 -8.20
C ARG C 251 -2.67 -1.56 -7.10
N LYS C 252 -3.99 -1.56 -6.93
CA LYS C 252 -4.63 -2.42 -5.90
C LYS C 252 -3.98 -3.81 -5.83
N LEU C 253 -3.84 -4.49 -6.97
CA LEU C 253 -3.13 -5.77 -7.11
C LEU C 253 -1.70 -5.66 -6.56
N ALA C 254 -0.97 -4.60 -6.86
CA ALA C 254 0.38 -4.40 -6.34
C ALA C 254 0.38 -4.08 -4.83
N VAL C 255 -0.43 -3.09 -4.42
CA VAL C 255 -0.58 -2.55 -3.06
C VAL C 255 -1.32 -3.48 -2.09
N ASN C 256 -1.81 -4.62 -2.57
CA ASN C 256 -2.36 -5.66 -1.73
C ASN C 256 -1.47 -6.90 -1.75
N MET C 257 -0.55 -6.99 -2.71
CA MET C 257 0.18 -8.23 -2.96
C MET C 257 1.64 -8.23 -2.70
N VAL C 258 2.23 -7.08 -2.43
CA VAL C 258 3.65 -7.00 -2.18
C VAL C 258 3.86 -6.49 -0.77
N PRO C 259 4.07 -7.39 0.21
CA PRO C 259 4.28 -6.95 1.57
C PRO C 259 5.66 -6.34 1.68
N PHE C 260 6.63 -6.89 0.94
CA PHE C 260 8.00 -6.40 0.99
C PHE C 260 8.57 -6.11 -0.39
N PRO C 261 9.13 -4.89 -0.56
CA PRO C 261 9.60 -4.25 -1.79
C PRO C 261 10.46 -5.01 -2.79
N ARG C 262 10.94 -6.22 -2.46
CA ARG C 262 11.70 -7.02 -3.42
C ARG C 262 11.11 -6.94 -4.78
N LEU C 263 9.77 -7.03 -4.87
CA LEU C 263 8.86 -7.01 -6.01
C LEU C 263 7.95 -8.20 -5.83
N HIS C 264 8.57 -9.33 -5.49
CA HIS C 264 7.89 -10.61 -5.38
C HIS C 264 7.20 -11.07 -6.65
N PHE C 265 7.23 -12.37 -6.83
CA PHE C 265 6.77 -13.01 -8.03
C PHE C 265 5.61 -13.88 -7.63
N PHE C 266 4.61 -13.88 -8.49
CA PHE C 266 3.35 -14.52 -8.29
C PHE C 266 3.27 -15.74 -9.16
N MET C 267 2.10 -16.38 -9.12
CA MET C 267 1.87 -17.60 -9.85
C MET C 267 0.42 -17.59 -10.27
N PRO C 268 0.17 -17.22 -11.54
CA PRO C 268 -1.18 -17.08 -11.99
C PRO C 268 -1.92 -18.41 -12.13
N GLY C 269 -3.25 -18.37 -12.01
CA GLY C 269 -4.12 -19.54 -12.18
C GLY C 269 -5.48 -19.12 -12.70
N PHE C 270 -5.95 -19.73 -13.79
CA PHE C 270 -7.27 -19.43 -14.33
C PHE C 270 -8.35 -20.23 -13.59
N ALA C 271 -9.62 -19.83 -13.72
CA ALA C 271 -10.72 -20.54 -13.09
C ALA C 271 -11.27 -21.66 -13.97
N PRO C 272 -12.23 -21.46 -14.89
CA PRO C 272 -12.90 -22.60 -15.52
C PRO C 272 -11.91 -23.23 -16.47
N LEU C 273 -11.33 -24.35 -16.05
CA LEU C 273 -10.31 -25.05 -16.82
C LEU C 273 -10.76 -26.46 -17.07
N THR C 274 -11.84 -26.53 -17.83
CA THR C 274 -12.50 -27.78 -18.12
C THR C 274 -12.24 -28.17 -19.56
N SER C 275 -12.01 -29.46 -19.82
CA SER C 275 -11.91 -29.98 -21.20
C SER C 275 -13.19 -29.64 -21.98
N ARG C 276 -13.11 -29.56 -23.32
CA ARG C 276 -14.21 -29.05 -24.16
C ARG C 276 -15.57 -29.72 -23.91
N GLY C 277 -15.95 -30.69 -24.76
CA GLY C 277 -17.27 -31.32 -24.81
C GLY C 277 -17.73 -31.81 -23.45
N SER C 278 -17.40 -33.05 -23.07
CA SER C 278 -17.81 -33.69 -21.80
C SER C 278 -17.80 -32.78 -20.58
N GLN C 279 -16.62 -32.50 -20.05
CA GLN C 279 -16.36 -31.84 -18.78
C GLN C 279 -17.07 -30.51 -18.59
N GLN C 280 -17.58 -29.84 -19.64
CA GLN C 280 -18.57 -28.73 -19.59
C GLN C 280 -19.72 -29.06 -18.61
N TYR C 281 -19.32 -29.09 -17.37
CA TYR C 281 -20.07 -29.55 -16.23
C TYR C 281 -20.80 -28.38 -15.63
N ARG C 282 -20.31 -27.16 -15.96
CA ARG C 282 -20.89 -25.92 -15.51
C ARG C 282 -20.86 -25.81 -14.00
N ALA C 283 -20.21 -26.75 -13.31
CA ALA C 283 -19.95 -26.72 -11.89
C ALA C 283 -19.02 -25.53 -11.66
N LEU C 284 -19.61 -24.36 -11.74
CA LEU C 284 -18.99 -23.04 -11.74
C LEU C 284 -19.84 -22.12 -10.88
N THR C 285 -20.74 -22.66 -10.04
CA THR C 285 -21.51 -21.85 -9.10
C THR C 285 -20.62 -20.81 -8.43
N VAL C 286 -19.43 -21.21 -7.95
CA VAL C 286 -18.34 -20.45 -7.32
C VAL C 286 -17.44 -21.34 -6.48
N PRO C 287 -17.97 -22.21 -5.58
CA PRO C 287 -17.12 -23.09 -4.80
C PRO C 287 -16.27 -23.95 -5.72
N GLU C 288 -16.71 -24.13 -6.96
CA GLU C 288 -15.99 -24.85 -7.99
C GLU C 288 -14.82 -24.05 -8.60
N LEU C 289 -14.94 -22.72 -8.66
CA LEU C 289 -13.83 -21.86 -9.07
C LEU C 289 -12.79 -21.80 -7.97
N THR C 290 -13.16 -21.58 -6.72
CA THR C 290 -12.16 -21.58 -5.64
C THR C 290 -11.59 -22.97 -5.44
N GLN C 291 -12.38 -24.01 -5.67
CA GLN C 291 -11.89 -25.39 -5.70
C GLN C 291 -10.73 -25.46 -6.69
N GLN C 292 -10.97 -25.01 -7.92
CA GLN C 292 -10.01 -24.94 -9.00
C GLN C 292 -8.76 -24.16 -8.60
N MET C 293 -8.81 -22.82 -8.69
CA MET C 293 -7.72 -21.87 -8.44
C MET C 293 -6.79 -22.24 -7.27
N PHE C 294 -7.33 -22.68 -6.12
CA PHE C 294 -6.54 -23.00 -4.93
C PHE C 294 -5.95 -24.42 -4.85
N ASP C 295 -6.19 -25.30 -5.82
CA ASP C 295 -5.49 -26.60 -5.84
C ASP C 295 -4.00 -26.40 -6.21
N ALA C 296 -3.18 -27.43 -5.98
CA ALA C 296 -1.79 -27.47 -6.41
C ALA C 296 -1.63 -27.27 -7.94
N LYS C 297 -1.74 -28.38 -8.68
CA LYS C 297 -2.03 -28.41 -10.11
C LYS C 297 -3.06 -27.34 -10.36
N ASN C 298 -2.94 -26.69 -11.52
CA ASN C 298 -3.65 -25.45 -11.90
C ASN C 298 -2.92 -24.14 -11.58
N MET C 299 -1.76 -24.23 -10.93
CA MET C 299 -0.88 -23.09 -10.76
C MET C 299 0.11 -23.10 -11.89
N MET C 300 0.06 -22.12 -12.80
CA MET C 300 0.97 -22.05 -13.95
C MET C 300 2.47 -22.04 -13.59
N ALA C 301 2.78 -21.78 -12.32
CA ALA C 301 4.11 -22.02 -11.75
C ALA C 301 4.46 -23.52 -11.72
N ALA C 302 5.73 -23.84 -11.45
CA ALA C 302 6.19 -25.22 -11.36
C ALA C 302 5.96 -25.73 -9.95
N CYS C 303 6.42 -24.92 -9.00
CA CYS C 303 6.28 -25.23 -7.60
C CYS C 303 4.80 -25.37 -7.23
N ASP C 304 4.59 -26.13 -6.18
CA ASP C 304 3.26 -26.42 -5.67
C ASP C 304 3.04 -25.56 -4.42
N PRO C 305 1.92 -24.81 -4.34
CA PRO C 305 1.63 -23.97 -3.19
C PRO C 305 1.56 -24.70 -1.86
N ARG C 306 1.12 -25.96 -1.91
CA ARG C 306 1.10 -26.88 -0.77
C ARG C 306 2.49 -27.04 -0.10
N HIS C 307 3.55 -26.60 -0.76
CA HIS C 307 4.94 -26.60 -0.31
C HIS C 307 5.40 -25.29 0.32
N GLY C 308 4.47 -24.39 0.67
CA GLY C 308 4.83 -23.11 1.23
C GLY C 308 3.68 -22.15 1.36
N ARG C 309 3.62 -21.47 2.50
CA ARG C 309 2.61 -20.44 2.83
C ARG C 309 2.36 -19.47 1.67
N TYR C 310 1.28 -18.72 1.80
CA TYR C 310 1.01 -17.58 0.94
C TYR C 310 1.24 -16.30 1.70
N LEU C 311 1.60 -15.22 1.02
CA LEU C 311 1.62 -13.90 1.63
C LEU C 311 0.38 -13.14 1.23
N THR C 312 0.04 -13.28 -0.03
CA THR C 312 -1.12 -12.65 -0.56
C THR C 312 -1.70 -13.55 -1.61
N VAL C 313 -2.98 -13.35 -1.82
CA VAL C 313 -3.70 -13.91 -2.92
C VAL C 313 -4.63 -12.88 -3.51
N ALA C 314 -4.93 -12.95 -4.80
CA ALA C 314 -5.87 -12.05 -5.44
C ALA C 314 -6.76 -12.84 -6.40
N ALA C 315 -7.92 -13.27 -5.91
CA ALA C 315 -8.91 -13.87 -6.80
C ALA C 315 -9.65 -12.76 -7.54
N VAL C 316 -9.18 -12.47 -8.74
CA VAL C 316 -9.75 -11.47 -9.63
C VAL C 316 -10.86 -12.12 -10.46
N PHE C 317 -12.02 -12.34 -9.81
CA PHE C 317 -13.21 -12.85 -10.49
C PHE C 317 -13.73 -11.89 -11.55
N ARG C 318 -14.39 -12.43 -12.56
CA ARG C 318 -15.04 -11.63 -13.61
C ARG C 318 -16.25 -12.35 -14.18
N GLY C 319 -17.37 -12.20 -13.50
CA GLY C 319 -18.62 -12.83 -13.88
C GLY C 319 -19.61 -12.66 -12.74
N ARG C 320 -20.84 -12.23 -13.05
CA ARG C 320 -21.84 -11.91 -12.03
C ARG C 320 -21.97 -13.01 -10.97
N MET C 321 -21.77 -12.60 -9.72
CA MET C 321 -21.78 -13.47 -8.55
C MET C 321 -22.10 -12.68 -7.28
N SER C 322 -22.53 -13.39 -6.25
CA SER C 322 -22.86 -12.77 -4.98
C SER C 322 -21.57 -12.40 -4.25
N MET C 323 -21.44 -11.12 -3.87
CA MET C 323 -20.43 -10.61 -2.93
C MET C 323 -20.49 -11.27 -1.58
N LYS C 324 -21.49 -12.10 -1.34
CA LYS C 324 -21.55 -12.98 -0.20
C LYS C 324 -20.91 -14.34 -0.51
N GLU C 325 -21.32 -15.08 -1.55
CA GLU C 325 -20.75 -16.40 -1.86
C GLU C 325 -19.31 -16.30 -2.35
N VAL C 326 -18.84 -15.10 -2.67
CA VAL C 326 -17.45 -14.80 -2.96
C VAL C 326 -16.72 -14.59 -1.67
N ASP C 327 -17.02 -13.48 -1.00
CA ASP C 327 -16.36 -13.07 0.24
C ASP C 327 -16.42 -14.16 1.32
N GLU C 328 -17.49 -14.97 1.31
CA GLU C 328 -17.63 -16.14 2.17
C GLU C 328 -16.63 -17.24 1.82
N GLN C 329 -16.70 -17.79 0.59
CA GLN C 329 -15.90 -18.94 0.21
C GLN C 329 -14.43 -18.75 0.56
N MET C 330 -13.90 -17.58 0.20
CA MET C 330 -12.54 -17.13 0.49
C MET C 330 -12.15 -17.34 1.94
N LEU C 331 -13.11 -17.19 2.86
CA LEU C 331 -12.90 -17.41 4.27
C LEU C 331 -12.66 -18.88 4.60
N ASN C 332 -13.61 -19.76 4.32
CA ASN C 332 -13.45 -21.19 4.61
C ASN C 332 -12.16 -21.70 4.01
N VAL C 333 -11.81 -21.22 2.82
CA VAL C 333 -10.53 -21.49 2.18
C VAL C 333 -9.34 -21.04 3.05
N GLN C 334 -9.44 -19.86 3.65
CA GLN C 334 -8.46 -19.32 4.59
C GLN C 334 -8.39 -20.08 5.92
N ASN C 335 -9.41 -20.86 6.27
CA ASN C 335 -9.46 -21.59 7.54
C ASN C 335 -9.19 -23.09 7.39
N LYS C 336 -9.63 -23.70 6.28
CA LYS C 336 -9.32 -25.09 5.95
C LYS C 336 -7.82 -25.27 5.76
N ASN C 337 -7.15 -24.21 5.31
CA ASN C 337 -5.73 -24.20 5.00
C ASN C 337 -4.98 -23.15 5.82
N SER C 338 -5.43 -22.86 7.05
CA SER C 338 -4.72 -21.93 7.96
C SER C 338 -3.24 -22.28 8.10
N SER C 339 -2.94 -23.58 7.96
CA SER C 339 -1.59 -24.15 7.90
C SER C 339 -0.72 -23.40 6.90
N TYR C 340 -1.05 -23.47 5.61
CA TYR C 340 -0.41 -22.69 4.57
C TYR C 340 -1.18 -21.47 4.10
N PHE C 341 -0.84 -20.35 4.71
CA PHE C 341 -1.47 -19.08 4.34
C PHE C 341 -0.84 -17.90 5.02
N VAL C 342 0.22 -18.12 5.82
CA VAL C 342 0.86 -17.14 6.72
C VAL C 342 -0.13 -16.52 7.70
N GLU C 343 0.35 -16.10 8.88
CA GLU C 343 -0.60 -15.64 9.92
C GLU C 343 -0.58 -14.14 10.20
N TRP C 344 0.59 -13.50 10.08
CA TRP C 344 0.73 -12.06 10.33
C TRP C 344 0.02 -11.16 9.29
N ILE C 345 -0.82 -11.75 8.48
CA ILE C 345 -1.78 -11.07 7.63
C ILE C 345 -3.14 -11.68 7.95
N PRO C 346 -3.97 -11.01 8.76
CA PRO C 346 -5.31 -11.47 9.08
C PRO C 346 -6.15 -11.88 7.88
N ASN C 347 -6.08 -11.14 6.77
CA ASN C 347 -6.78 -11.48 5.54
C ASN C 347 -5.79 -11.44 4.37
N ASN C 348 -5.11 -12.55 4.10
CA ASN C 348 -4.18 -12.65 2.95
C ASN C 348 -4.86 -12.34 1.63
N VAL C 349 -6.04 -12.93 1.48
CA VAL C 349 -6.79 -12.86 0.25
C VAL C 349 -7.26 -11.44 -0.04
N LYS C 350 -7.17 -11.07 -1.30
CA LYS C 350 -7.68 -9.86 -1.90
C LYS C 350 -8.77 -10.30 -2.86
N THR C 351 -10.00 -10.32 -2.38
CA THR C 351 -11.13 -10.51 -3.29
C THR C 351 -11.26 -9.31 -4.22
N ALA C 352 -11.38 -9.60 -5.51
CA ALA C 352 -11.64 -8.64 -6.57
C ALA C 352 -12.78 -9.20 -7.41
N VAL C 353 -13.70 -8.36 -7.87
CA VAL C 353 -14.86 -8.80 -8.64
C VAL C 353 -15.20 -7.78 -9.71
N CYS C 354 -14.90 -8.16 -10.96
CA CYS C 354 -15.44 -7.57 -12.19
C CYS C 354 -16.93 -7.96 -12.38
N ASP C 355 -17.55 -7.59 -13.48
CA ASP C 355 -18.90 -8.01 -13.86
C ASP C 355 -18.89 -8.87 -15.11
N ILE C 356 -18.60 -8.27 -16.26
CA ILE C 356 -18.51 -8.99 -17.53
C ILE C 356 -17.45 -10.11 -17.43
N PRO C 357 -17.81 -11.34 -17.84
CA PRO C 357 -16.91 -12.48 -17.85
C PRO C 357 -16.14 -12.65 -19.16
N PRO C 358 -15.23 -13.65 -19.27
CA PRO C 358 -14.48 -13.90 -20.51
C PRO C 358 -15.48 -14.22 -21.60
N ARG C 359 -15.62 -13.35 -22.61
CA ARG C 359 -16.58 -13.37 -23.71
C ARG C 359 -17.59 -14.55 -23.63
N GLY C 360 -17.16 -15.74 -24.03
CA GLY C 360 -18.02 -16.92 -24.20
C GLY C 360 -18.39 -17.71 -22.94
N LEU C 361 -17.84 -17.39 -21.78
CA LEU C 361 -18.05 -18.09 -20.52
C LEU C 361 -19.04 -17.36 -19.60
N LYS C 362 -19.58 -18.08 -18.63
CA LYS C 362 -20.47 -17.52 -17.62
C LYS C 362 -19.73 -16.86 -16.46
N MET C 363 -18.69 -17.52 -15.95
CA MET C 363 -18.04 -17.10 -14.72
C MET C 363 -16.62 -17.65 -14.70
N SER C 364 -15.65 -16.76 -14.48
CA SER C 364 -14.23 -17.07 -14.31
C SER C 364 -13.66 -16.26 -13.15
N ALA C 365 -12.37 -16.49 -12.87
CA ALA C 365 -11.61 -15.85 -11.84
C ALA C 365 -10.13 -16.14 -11.96
N THR C 366 -9.40 -15.09 -12.25
CA THR C 366 -7.95 -15.15 -12.29
C THR C 366 -7.43 -15.20 -10.87
N PHE C 367 -6.38 -15.97 -10.66
CA PHE C 367 -5.75 -16.12 -9.38
C PHE C 367 -4.33 -15.62 -9.50
N ILE C 368 -3.89 -14.81 -8.55
CA ILE C 368 -2.56 -14.24 -8.56
C ILE C 368 -1.95 -14.46 -7.17
N GLY C 369 -1.28 -15.60 -7.02
CA GLY C 369 -0.79 -16.00 -5.71
C GLY C 369 0.63 -15.52 -5.46
N ASN C 370 0.89 -14.88 -4.32
CA ASN C 370 2.22 -14.53 -3.85
C ASN C 370 2.68 -15.54 -2.81
N SER C 371 2.78 -16.82 -3.15
CA SER C 371 3.26 -17.80 -2.18
C SER C 371 4.77 -17.84 -2.05
N THR C 372 5.19 -18.14 -0.82
CA THR C 372 6.57 -18.45 -0.45
C THR C 372 7.06 -19.74 -1.07
N ALA C 373 6.17 -20.53 -1.71
CA ALA C 373 6.52 -21.75 -2.43
C ALA C 373 7.45 -21.51 -3.61
N ILE C 374 7.40 -20.32 -4.24
CA ILE C 374 8.29 -19.97 -5.34
C ILE C 374 9.77 -19.89 -4.94
N GLN C 375 10.03 -20.01 -3.64
CA GLN C 375 11.36 -20.20 -3.12
C GLN C 375 12.02 -21.42 -3.79
N GLU C 376 11.30 -22.55 -3.80
CA GLU C 376 11.66 -23.82 -4.46
C GLU C 376 11.69 -23.76 -6.00
N LEU C 377 11.96 -22.60 -6.57
CA LEU C 377 12.22 -22.48 -7.99
C LEU C 377 13.46 -21.65 -8.24
N PHE C 378 13.57 -20.51 -7.58
CA PHE C 378 14.81 -19.76 -7.63
C PHE C 378 15.94 -20.51 -6.97
N LYS C 379 15.61 -21.44 -6.06
CA LYS C 379 16.53 -22.49 -5.63
C LYS C 379 17.03 -23.28 -6.81
N ARG C 380 16.10 -23.92 -7.53
CA ARG C 380 16.36 -24.72 -8.72
C ARG C 380 17.30 -24.01 -9.68
N ILE C 381 16.90 -22.85 -10.17
CA ILE C 381 17.67 -22.01 -11.08
C ILE C 381 19.07 -21.75 -10.53
N SER C 382 19.13 -21.24 -9.29
CA SER C 382 20.37 -20.91 -8.60
C SER C 382 21.28 -22.13 -8.43
N GLU C 383 20.72 -23.33 -8.22
CA GLU C 383 21.50 -24.57 -8.23
C GLU C 383 22.15 -24.80 -9.60
N GLN C 384 21.33 -24.91 -10.65
CA GLN C 384 21.83 -25.19 -11.99
C GLN C 384 22.98 -24.27 -12.38
N PHE C 385 22.90 -23.00 -11.93
CA PHE C 385 23.95 -22.01 -12.04
C PHE C 385 25.25 -22.51 -11.43
N THR C 386 25.38 -22.57 -10.12
CA THR C 386 26.58 -23.02 -9.39
C THR C 386 27.16 -24.32 -9.91
N ALA C 387 26.34 -25.33 -10.19
CA ALA C 387 26.79 -26.62 -10.70
C ALA C 387 27.58 -26.49 -12.01
N MET C 388 27.26 -25.47 -12.81
CA MET C 388 27.95 -25.17 -14.06
C MET C 388 28.88 -23.96 -14.02
N PHE C 389 28.56 -22.99 -13.16
CA PHE C 389 29.34 -21.79 -12.95
C PHE C 389 30.65 -22.13 -12.30
N ARG C 390 30.63 -23.13 -11.40
CA ARG C 390 31.83 -23.70 -10.82
C ARG C 390 32.85 -24.06 -11.89
N ARG C 391 32.42 -24.64 -13.02
CA ARG C 391 33.31 -25.02 -14.13
C ARG C 391 33.36 -24.01 -15.27
N LYS C 392 32.69 -22.87 -15.12
CA LYS C 392 32.62 -21.77 -16.09
C LYS C 392 32.08 -22.20 -17.45
N ALA C 393 31.28 -23.28 -17.45
CA ALA C 393 30.81 -24.04 -18.61
C ALA C 393 30.84 -23.28 -19.94
N PHE C 394 29.72 -22.69 -20.34
CA PHE C 394 29.64 -21.87 -21.55
C PHE C 394 29.88 -20.40 -21.24
N LEU C 395 30.84 -20.11 -20.36
CA LEU C 395 31.04 -18.74 -19.91
C LEU C 395 31.77 -17.92 -20.96
N HIS C 396 32.64 -18.53 -21.78
CA HIS C 396 33.40 -17.78 -22.79
C HIS C 396 32.50 -17.08 -23.82
N TRP C 397 31.27 -17.56 -24.01
CA TRP C 397 30.26 -16.89 -24.82
C TRP C 397 29.74 -15.59 -24.21
N TYR C 398 29.86 -15.42 -22.90
CA TYR C 398 29.48 -14.22 -22.16
C TYR C 398 30.63 -13.27 -22.01
N THR C 399 31.74 -13.71 -21.40
CA THR C 399 32.92 -12.84 -21.27
C THR C 399 33.44 -12.37 -22.62
N GLY C 400 33.54 -13.27 -23.60
CA GLY C 400 33.95 -12.94 -24.96
C GLY C 400 33.03 -11.93 -25.67
N GLU C 401 31.88 -11.63 -25.07
CA GLU C 401 30.94 -10.58 -25.45
C GLU C 401 31.05 -9.32 -24.57
N GLY C 402 32.17 -9.13 -23.87
CA GLY C 402 32.29 -8.03 -22.91
C GLY C 402 31.32 -8.22 -21.75
N MET C 403 31.72 -9.13 -20.86
CA MET C 403 31.05 -9.37 -19.59
C MET C 403 32.09 -9.35 -18.47
N ASP C 404 31.70 -9.81 -17.29
CA ASP C 404 32.50 -9.79 -16.10
C ASP C 404 32.31 -11.12 -15.35
N GLU C 405 33.39 -11.61 -14.75
CA GLU C 405 33.33 -12.79 -13.88
C GLU C 405 32.62 -12.47 -12.54
N MET C 406 32.57 -11.17 -12.22
CA MET C 406 31.87 -10.64 -11.07
C MET C 406 30.39 -10.37 -11.35
N GLU C 407 29.99 -10.31 -12.61
CA GLU C 407 28.59 -10.07 -13.01
C GLU C 407 27.70 -11.30 -12.75
N PHE C 408 28.24 -12.47 -13.06
CA PHE C 408 27.55 -13.73 -12.77
C PHE C 408 27.48 -13.97 -11.28
N THR C 409 28.59 -13.67 -10.59
CA THR C 409 28.64 -13.76 -9.13
C THR C 409 27.52 -12.94 -8.53
N GLU C 410 27.47 -11.67 -8.91
CA GLU C 410 26.47 -10.69 -8.50
C GLU C 410 25.04 -11.22 -8.59
N ALA C 411 24.61 -11.58 -9.80
CA ALA C 411 23.26 -12.03 -10.05
C ALA C 411 22.87 -13.26 -9.25
N GLU C 412 23.69 -14.32 -9.32
CA GLU C 412 23.47 -15.50 -8.51
C GLU C 412 23.27 -15.09 -7.07
N SER C 413 24.24 -14.44 -6.44
CA SER C 413 24.13 -14.03 -5.05
C SER C 413 22.86 -13.24 -4.77
N ASN C 414 22.59 -12.16 -5.51
CA ASN C 414 21.33 -11.44 -5.41
C ASN C 414 20.14 -12.41 -5.44
N MET C 415 19.85 -13.01 -6.59
CA MET C 415 18.71 -13.92 -6.74
C MET C 415 18.76 -15.13 -5.77
N ASN C 416 19.93 -15.46 -5.26
CA ASN C 416 20.15 -16.51 -4.28
C ASN C 416 19.77 -16.02 -2.88
N ASP C 417 20.03 -14.74 -2.57
CA ASP C 417 19.51 -14.04 -1.39
C ASP C 417 18.01 -13.92 -1.46
N LEU C 418 17.50 -13.69 -2.66
CA LEU C 418 16.07 -13.56 -2.86
C LEU C 418 15.34 -14.83 -2.43
N VAL C 419 15.98 -15.99 -2.58
CA VAL C 419 15.48 -17.24 -2.02
C VAL C 419 15.41 -17.16 -0.50
N SER C 420 16.54 -16.79 0.12
CA SER C 420 16.67 -16.63 1.58
C SER C 420 15.49 -15.86 2.14
N GLU C 421 15.32 -14.62 1.69
CA GLU C 421 14.28 -13.71 2.15
C GLU C 421 12.89 -14.35 2.13
N TYR C 422 12.56 -15.01 1.04
CA TYR C 422 11.23 -15.59 0.88
C TYR C 422 10.89 -16.64 1.93
N GLN C 423 11.93 -17.25 2.51
CA GLN C 423 11.80 -18.21 3.60
C GLN C 423 11.52 -17.55 4.94
N GLN C 424 11.94 -16.29 5.11
CA GLN C 424 11.76 -15.46 6.33
C GLN C 424 10.30 -15.29 6.74
N TYR C 425 9.39 -15.65 5.82
CA TYR C 425 7.94 -15.55 5.98
C TYR C 425 7.23 -16.89 5.92
N GLN C 426 7.83 -17.87 5.24
CA GLN C 426 7.43 -19.27 5.36
C GLN C 426 7.54 -19.78 6.82
N ASP C 427 8.30 -19.05 7.65
CA ASP C 427 8.55 -19.20 9.10
C ASP C 427 8.14 -17.94 9.91
ZN ZN D . -50.63 -11.00 8.86
MG MG E . -13.06 2.67 -5.71
PG GTP F . -10.55 3.02 -3.07
O1G GTP F . -9.55 4.14 -3.36
O2G GTP F . -11.05 2.36 -4.33
O3G GTP F . -9.77 2.06 -2.18
O3B GTP F . -11.94 3.55 -2.33
PB GTP F . -13.22 2.61 -1.89
O1B GTP F . -13.45 2.90 -0.42
O2B GTP F . -14.33 2.80 -2.81
O3A GTP F . -12.68 1.18 -1.89
PA GTP F . -13.28 -0.22 -1.85
O1A GTP F . -14.35 -0.39 -2.85
O2A GTP F . -12.16 -1.19 -1.93
O5' GTP F . -13.89 -0.32 -0.32
C5' GTP F . -14.52 -1.57 -0.07
C4' GTP F . -15.08 -1.75 1.31
O4' GTP F . -16.45 -1.27 1.36
C3' GTP F . -15.16 -3.22 1.60
O3' GTP F . -15.12 -3.44 3.00
C2' GTP F . -16.49 -3.60 0.97
O2' GTP F . -17.02 -4.76 1.63
C1' GTP F . -17.36 -2.35 1.18
N9 GTP F . -18.27 -2.02 0.08
C8 GTP F . -17.93 -1.77 -1.23
N7 GTP F . -18.95 -1.50 -2.00
C5 GTP F . -20.04 -1.59 -1.16
C6 GTP F . -21.40 -1.40 -1.41
O6 GTP F . -21.91 -1.11 -2.50
N1 GTP F . -22.21 -1.57 -0.27
C2 GTP F . -21.75 -1.90 0.98
N2 GTP F . -22.63 -2.03 1.92
N3 GTP F . -20.45 -2.08 1.25
C4 GTP F . -19.64 -1.91 0.14
PB GDP G . 15.14 -15.55 -27.32
O1B GDP G . 14.91 -14.30 -26.57
O2B GDP G . 14.27 -15.81 -28.40
O3B GDP G . 16.73 -15.62 -27.72
O3A GDP G . 14.86 -16.73 -26.31
PA GDP G . 13.79 -18.01 -26.40
O1A GDP G . 12.40 -17.47 -26.36
O2A GDP G . 14.16 -18.77 -27.67
O5' GDP G . 14.08 -18.74 -25.07
C5' GDP G . 13.78 -20.16 -24.91
C4' GDP G . 12.88 -20.48 -23.82
O4' GDP G . 11.56 -19.88 -24.12
C3' GDP G . 12.50 -21.99 -23.69
O3' GDP G . 12.41 -22.27 -22.24
C2' GDP G . 11.10 -22.23 -24.31
O2' GDP G . 10.24 -23.24 -23.75
C1' GDP G . 10.43 -20.86 -24.18
N9 GDP G . 9.57 -20.49 -25.30
C8 GDP G . 10.19 -20.16 -26.63
N7 GDP G . 8.95 -19.89 -27.24
C5 GDP G . 7.82 -20.00 -26.55
C6 GDP G . 6.42 -19.89 -26.59
O6 GDP G . 5.88 -19.50 -27.76
N1 GDP G . 5.60 -20.12 -25.54
C2 GDP G . 6.20 -20.53 -24.24
N2 GDP G . 5.23 -20.72 -23.38
N3 GDP G . 7.46 -20.67 -24.14
C4 GDP G . 8.24 -20.39 -25.21
O01 TA1 H . -11.42 -22.79 -26.72
C01 TA1 H . -12.31 -22.42 -25.65
C02 TA1 H . -11.98 -23.42 -24.41
O02 TA1 H . -10.56 -23.12 -24.15
C03 TA1 H . -9.59 -24.09 -24.52
O03 TA1 H . -9.88 -25.16 -25.00
C04 TA1 H . -8.24 -23.67 -24.24
C05 TA1 H . -7.36 -23.92 -25.37
C06 TA1 H . -5.93 -23.52 -25.14
C07 TA1 H . -5.51 -22.94 -23.91
C08 TA1 H . -6.36 -22.77 -23.01
C09 TA1 H . -7.74 -23.10 -23.06
C10 TA1 H . -12.77 -23.22 -23.01
C11 TA1 H . -11.84 -23.29 -21.70
O04 TA1 H . -10.85 -22.19 -21.66
C12 TA1 H . -11.22 -20.87 -21.49
O05 TA1 H . -12.34 -20.47 -21.36
C13 TA1 H . -9.98 -20.01 -21.49
C14 TA1 H . -10.95 -24.54 -21.44
O06 TA1 H . -11.56 -24.80 -20.16
C15 TA1 H . -12.43 -23.65 -20.31
C16 TA1 H . -13.94 -24.04 -20.21
C17 TA1 H . -14.76 -23.70 -21.44
O07 TA1 H . -16.12 -24.15 -21.26
C18 TA1 H . -14.11 -24.25 -22.81
C19 TA1 H . -13.73 -25.75 -22.62
C20 TA1 H . -15.23 -24.30 -23.98
O08 TA1 H . -15.57 -25.37 -24.42
C21 TA1 H . -15.87 -23.02 -24.54
O09 TA1 H . -16.84 -23.43 -25.60
C22 TA1 H . -18.20 -23.25 -25.41
O10 TA1 H . -18.70 -22.78 -24.44
C23 TA1 H . -18.96 -23.74 -26.60
C24 TA1 H . -14.80 -22.07 -25.09
C25 TA1 H . -14.60 -20.83 -24.49
C26 TA1 H . -13.40 -20.00 -25.00
O11 TA1 H . -13.01 -18.89 -24.12
C27 TA1 H . -13.52 -17.70 -24.36
O12 TA1 H . -14.27 -17.40 -25.24
C28 TA1 H . -12.97 -16.65 -23.35
O13 TA1 H . -13.51 -15.39 -23.69
C29 TA1 H . -11.43 -16.68 -23.41
N01 TA1 H . -11.05 -16.52 -24.81
C30 TA1 H . -9.89 -17.00 -25.31
O14 TA1 H . -9.05 -17.60 -24.64
C31 TA1 H . -9.72 -16.77 -26.78
C32 TA1 H . -9.69 -15.52 -27.37
C33 TA1 H . -9.55 -15.36 -28.77
C34 TA1 H . -9.44 -16.51 -29.59
C35 TA1 H . -9.47 -17.78 -29.02
C36 TA1 H . -9.61 -17.93 -27.64
C37 TA1 H . -10.81 -15.64 -22.45
C38 TA1 H . -10.49 -16.04 -21.15
C39 TA1 H . -9.93 -15.13 -20.23
C40 TA1 H . -9.68 -13.80 -20.62
C41 TA1 H . -9.99 -13.40 -21.91
C42 TA1 H . -10.56 -14.31 -22.84
C43 TA1 H . -12.11 -20.90 -25.15
C44 TA1 H . -15.42 -20.26 -23.33
C45 TA1 H . -13.84 -22.55 -26.28
C46 TA1 H . -14.09 -21.61 -27.55
C47 TA1 H . -14.06 -23.97 -26.88
#